data_2AMC
#
_entry.id   2AMC
#
_cell.length_a   173.200
_cell.length_b   173.200
_cell.length_c   138.230
_cell.angle_alpha   90.00
_cell.angle_beta   90.00
_cell.angle_gamma   120.00
#
_symmetry.space_group_name_H-M   'P 32 2 1'
#
loop_
_entity.id
_entity.type
_entity.pdbx_description
1 polymer 'Phenylalanyl-tRNA synthetase alpha chain'
2 polymer 'Phenylalanyl-tRNA synthetase beta chain'
3 non-polymer 'MAGNESIUM ION'
4 non-polymer TYROSINE
5 non-polymer 'SULFATE ION'
6 water water
#
loop_
_entity_poly.entity_id
_entity_poly.type
_entity_poly.pdbx_seq_one_letter_code
_entity_poly.pdbx_strand_id
1 'polypeptide(L)'
;RVDVSLPGASLFSGGLHPITLMERELVEIFRALGYQAVEGPEVESEFFNFDALNIPEHHPARDMWDTFWLTGEGFRLEGP
LGEEVEGRLLLRTHTSPMQVRYMVAHTPPFRIVVPGRVFRFEQTDATHEAVFHQLEGLVVGEGIAMAHLKGAIYELAQAL
FGPDSKVRFQPVYFPFVEPGAQFAVWWPEGGKWLELGGAGMVHPKVFQAVDAYRERLGLPPAYRGVTGFAFGLGVERLAM
LRYGIPDIRYFFGGRLKFLEQFKGVL
;
A
2 'polypeptide(L)'
;MRVPFSWLKAYVPELESPEVLEERLAGLGFETDRIERVFPIPRGVVFARVLEAHPIPGTRLKRLVLDAGRTVEVVSGAEN
ARKGIGVALALPGTELPGLGQKVGERVIQGVRSFGMALSPRELGVGEYGGGLLEFPEDALPPGTPLSEAWPEEVVLDLEV
TPNRPDALGLLGLARDLHALGYALVEPEAALKAEALPLPFALKVEDPEGAPHFTLGYAFGLRVAPSPLWMQRALFAAGMR
PINNVVDVTNYVMLERAQPMHAFDLRFVGEGIAVRRAREGERLKTLDGVERTLHPEDLVIAGWRGEESFPLGLAGVMGGA
ESEVREDTEAIALEVACFDPVSIRKTARRHGLRTEASHRFERGVDPLGQVPAQRRALSLLQALAGARVAEALLEAGSPKP
PEAIPFRPEYANRLLGTSYPEAEQIAILKRLGCRVEGEGPTYRVTPPSHRLDLRLEEDLVEEVARIQGYETIPLALPAFF
PAPDNRGVEAPYRKEQRLREVLSGLGFQEVYTYSFMDPEDARRFRLDPPRLLLLNPLAPEKAALRTHLFPGLVRVLKENL
DLDRPERALLFEVGRVFREREETHLAGLLFGEGVGLPWAKERLSGYFLLKGYLEALFARLGLAFRVEAQAFPFLHPGVSG
RVLVEGEEVGFLGALHPEIAQELELPPVHLFELRLPLPDKPLAFQDPSRHPAAFRDLAVVVPAPTPYGEVEALVREAAGP
YLESLALFDLYQGPPLPEGHKSLAFHLRFRHPKRTLRDEEVEEAVSRVAEALRARGFGLRGLDTP
;
B
#
loop_
_chem_comp.id
_chem_comp.type
_chem_comp.name
_chem_comp.formula
MG non-polymer 'MAGNESIUM ION' 'Mg 2'
SO4 non-polymer 'SULFATE ION' 'O4 S -2'
#
# COMPACT_ATOMS: atom_id res chain seq x y z
N ARG A 1 29.22 -54.18 20.95
CA ARG A 1 29.64 -52.78 20.68
C ARG A 1 28.80 -52.13 19.57
N VAL A 2 28.71 -50.80 19.60
CA VAL A 2 27.94 -50.05 18.61
C VAL A 2 28.60 -48.75 18.17
N ASP A 3 28.53 -48.43 16.89
CA ASP A 3 29.12 -47.17 16.42
C ASP A 3 28.15 -46.10 16.90
N VAL A 4 28.62 -45.24 17.80
CA VAL A 4 27.78 -44.19 18.34
C VAL A 4 27.75 -42.94 17.45
N SER A 5 28.71 -42.82 16.54
CA SER A 5 28.76 -41.66 15.65
C SER A 5 27.96 -41.95 14.38
N LEU A 6 27.18 -43.00 14.41
CA LEU A 6 26.38 -43.38 13.26
C LEU A 6 25.06 -42.60 13.28
N PRO A 7 24.59 -42.13 12.11
CA PRO A 7 23.33 -41.38 12.05
C PRO A 7 22.18 -42.13 12.72
N GLY A 8 21.31 -41.38 13.40
CA GLY A 8 20.17 -41.99 14.07
C GLY A 8 18.91 -41.98 13.22
N ALA A 9 17.82 -42.52 13.76
CA ALA A 9 16.56 -42.56 13.05
C ALA A 9 16.24 -41.16 12.51
N SER A 10 15.86 -41.09 11.24
CA SER A 10 15.57 -39.82 10.60
C SER A 10 14.23 -39.19 11.01
N LEU A 11 14.07 -38.91 12.30
CA LEU A 11 12.85 -38.27 12.80
C LEU A 11 12.83 -36.87 12.14
N PHE A 12 11.65 -36.43 11.70
CA PHE A 12 11.52 -35.13 11.04
C PHE A 12 11.73 -33.98 12.02
N SER A 13 12.20 -32.85 11.50
CA SER A 13 12.40 -31.68 12.34
C SER A 13 11.70 -30.47 11.68
N GLY A 14 10.72 -29.92 12.37
CA GLY A 14 9.97 -28.80 11.83
C GLY A 14 10.66 -27.45 11.87
N GLY A 15 9.88 -26.40 11.60
CA GLY A 15 10.38 -25.04 11.60
C GLY A 15 9.28 -24.01 11.39
N LEU A 16 9.57 -22.76 11.70
CA LEU A 16 8.59 -21.70 11.52
C LEU A 16 8.99 -20.77 10.38
N HIS A 17 8.00 -20.22 9.69
CA HIS A 17 8.23 -19.32 8.58
C HIS A 17 8.81 -17.98 9.06
N PRO A 18 9.70 -17.38 8.28
CA PRO A 18 10.32 -16.10 8.66
C PRO A 18 9.30 -15.06 9.16
N ILE A 19 8.19 -14.94 8.45
CA ILE A 19 7.16 -13.97 8.80
C ILE A 19 6.53 -14.28 10.16
N THR A 20 6.36 -15.58 10.43
CA THR A 20 5.82 -16.01 11.71
C THR A 20 6.81 -15.59 12.82
N LEU A 21 8.10 -15.72 12.53
CA LEU A 21 9.12 -15.33 13.50
C LEU A 21 9.12 -13.82 13.72
N MET A 22 9.16 -13.04 12.65
CA MET A 22 9.17 -11.59 12.78
C MET A 22 7.91 -11.08 13.46
N GLU A 23 6.77 -11.59 13.05
CA GLU A 23 5.50 -11.18 13.64
C GLU A 23 5.49 -11.50 15.13
N ARG A 24 6.01 -12.68 15.48
CA ARG A 24 6.05 -13.07 16.89
C ARG A 24 6.92 -12.14 17.72
N GLU A 25 8.02 -11.68 17.15
CA GLU A 25 8.90 -10.80 17.87
C GLU A 25 8.19 -9.47 18.07
N LEU A 26 7.54 -8.99 17.02
CA LEU A 26 6.85 -7.72 17.09
C LEU A 26 5.74 -7.80 18.12
N VAL A 27 4.97 -8.88 18.07
CA VAL A 27 3.89 -9.07 19.01
C VAL A 27 4.41 -9.15 20.45
N GLU A 28 5.56 -9.78 20.64
CA GLU A 28 6.16 -9.87 21.98
C GLU A 28 6.58 -8.47 22.44
N ILE A 29 7.28 -7.73 21.57
CA ILE A 29 7.73 -6.40 21.89
C ILE A 29 6.56 -5.60 22.47
N PHE A 30 5.45 -5.58 21.75
CA PHE A 30 4.28 -4.84 22.20
C PHE A 30 3.48 -5.47 23.37
N ARG A 31 3.58 -6.78 23.57
CA ARG A 31 2.87 -7.40 24.69
C ARG A 31 3.48 -6.87 25.98
N ALA A 32 4.80 -6.65 25.95
CA ALA A 32 5.51 -6.15 27.10
C ALA A 32 5.04 -4.74 27.43
N LEU A 33 4.41 -4.09 26.46
CA LEU A 33 3.92 -2.73 26.67
C LEU A 33 2.42 -2.72 26.97
N GLY A 34 1.83 -3.91 27.14
CA GLY A 34 0.42 -4.00 27.45
C GLY A 34 -0.53 -4.15 26.27
N TYR A 35 0.02 -4.34 25.07
CA TYR A 35 -0.84 -4.51 23.90
C TYR A 35 -1.24 -5.97 23.79
N GLN A 36 -2.46 -6.19 23.31
CA GLN A 36 -2.97 -7.54 23.10
C GLN A 36 -3.16 -7.74 21.59
N ALA A 37 -2.86 -8.93 21.10
CA ALA A 37 -3.01 -9.19 19.68
C ALA A 37 -4.37 -9.82 19.32
N VAL A 38 -5.01 -9.25 18.30
CA VAL A 38 -6.31 -9.73 17.79
C VAL A 38 -6.26 -9.63 16.27
N GLU A 39 -7.05 -10.43 15.58
CA GLU A 39 -7.02 -10.39 14.12
C GLU A 39 -8.35 -10.07 13.46
N GLY A 40 -8.27 -9.65 12.20
CA GLY A 40 -9.47 -9.34 11.45
C GLY A 40 -9.52 -10.24 10.22
N PRO A 41 -10.55 -10.08 9.37
CA PRO A 41 -10.68 -10.91 8.16
C PRO A 41 -9.90 -10.34 6.97
N GLU A 42 -9.37 -11.24 6.14
CA GLU A 42 -8.61 -10.83 4.95
C GLU A 42 -9.55 -10.27 3.89
N VAL A 43 -10.76 -10.83 3.82
CA VAL A 43 -11.77 -10.34 2.88
C VAL A 43 -12.64 -9.35 3.65
N GLU A 44 -12.54 -8.07 3.25
CA GLU A 44 -13.27 -6.99 3.90
C GLU A 44 -14.31 -6.29 3.04
N SER A 45 -15.06 -5.42 3.70
CA SER A 45 -16.09 -4.60 3.10
C SER A 45 -15.45 -3.25 2.82
N GLU A 46 -15.88 -2.56 1.77
CA GLU A 46 -15.31 -1.27 1.49
C GLU A 46 -15.58 -0.33 2.67
N PHE A 47 -16.70 -0.54 3.34
CA PHE A 47 -17.07 0.27 4.49
C PHE A 47 -15.97 0.28 5.56
N PHE A 48 -15.49 -0.91 5.92
CA PHE A 48 -14.45 -1.00 6.95
C PHE A 48 -13.07 -0.68 6.43
N ASN A 49 -12.77 -1.11 5.21
CA ASN A 49 -11.47 -0.87 4.65
C ASN A 49 -11.25 0.59 4.29
N PHE A 50 -12.31 1.27 3.84
CA PHE A 50 -12.19 2.66 3.43
C PHE A 50 -13.11 3.72 4.06
N ASP A 51 -14.41 3.60 3.84
CA ASP A 51 -15.36 4.58 4.36
C ASP A 51 -15.23 4.90 5.84
N ALA A 52 -15.22 3.87 6.68
CA ALA A 52 -15.13 4.08 8.12
C ALA A 52 -13.82 4.72 8.52
N LEU A 53 -12.81 4.65 7.64
CA LEU A 53 -11.51 5.22 7.94
C LEU A 53 -11.27 6.57 7.31
N ASN A 54 -12.36 7.24 6.92
CA ASN A 54 -12.31 8.56 6.32
C ASN A 54 -11.68 8.58 4.93
N ILE A 55 -11.82 7.48 4.19
CA ILE A 55 -11.26 7.39 2.85
C ILE A 55 -12.40 7.18 1.83
N PRO A 56 -12.98 8.38 1.37
CA PRO A 56 -14.03 8.44 0.29
C PRO A 56 -13.73 7.76 -1.00
N GLU A 57 -14.71 7.76 -1.87
CA GLU A 57 -14.53 7.23 -3.18
C GLU A 57 -14.08 8.38 -4.06
N HIS A 58 -13.36 8.05 -5.09
CA HIS A 58 -12.87 9.10 -5.93
C HIS A 58 -12.42 10.24 -5.04
N HIS A 59 -11.56 9.83 -4.11
CA HIS A 59 -10.85 10.71 -3.22
C HIS A 59 -9.38 10.44 -3.60
N PRO A 60 -8.55 11.51 -3.78
CA PRO A 60 -7.14 11.28 -4.13
C PRO A 60 -6.46 10.28 -3.22
N ALA A 61 -6.91 10.28 -1.97
CA ALA A 61 -6.31 9.42 -0.94
C ALA A 61 -6.56 7.93 -1.23
N ARG A 62 -7.60 7.62 -1.98
CA ARG A 62 -7.91 6.23 -2.33
C ARG A 62 -6.75 5.61 -3.08
N ASP A 63 -6.06 6.43 -3.87
CA ASP A 63 -4.94 5.96 -4.68
C ASP A 63 -3.75 5.41 -3.90
N MET A 64 -3.66 5.74 -2.62
CA MET A 64 -2.57 5.25 -1.78
C MET A 64 -2.71 3.74 -1.56
N TRP A 65 -3.79 3.16 -2.09
CA TRP A 65 -4.08 1.73 -1.96
C TRP A 65 -4.66 1.12 -3.25
N ASP A 66 -3.85 0.34 -3.97
CA ASP A 66 -4.33 -0.31 -5.19
C ASP A 66 -5.11 -1.52 -4.71
N THR A 67 -6.43 -1.49 -4.89
CA THR A 67 -7.33 -2.53 -4.41
C THR A 67 -7.75 -3.71 -5.30
N PHE A 68 -7.80 -4.89 -4.71
CA PHE A 68 -8.27 -6.11 -5.41
C PHE A 68 -9.76 -6.17 -5.10
N TRP A 69 -10.62 -5.97 -6.10
CA TRP A 69 -12.05 -6.05 -5.87
C TRP A 69 -12.55 -7.45 -6.15
N LEU A 70 -13.41 -7.98 -5.28
CA LEU A 70 -13.89 -9.34 -5.42
C LEU A 70 -15.34 -9.44 -5.87
N THR A 71 -15.75 -10.65 -6.23
CA THR A 71 -17.12 -10.90 -6.67
C THR A 71 -17.55 -12.31 -6.34
N GLY A 72 -18.87 -12.55 -6.37
CA GLY A 72 -19.40 -13.87 -6.06
C GLY A 72 -20.49 -13.84 -5.02
N GLU A 73 -21.60 -14.53 -5.29
CA GLU A 73 -22.70 -14.56 -4.34
C GLU A 73 -22.53 -15.72 -3.37
N GLY A 74 -23.28 -15.66 -2.28
CA GLY A 74 -23.22 -16.74 -1.30
C GLY A 74 -22.19 -16.54 -0.20
N PHE A 75 -21.40 -15.48 -0.28
CA PHE A 75 -20.39 -15.23 0.73
C PHE A 75 -20.99 -14.42 1.88
N ARG A 76 -20.72 -14.85 3.11
CA ARG A 76 -21.22 -14.16 4.30
C ARG A 76 -20.06 -13.47 5.03
N LEU A 77 -20.12 -12.14 5.07
CA LEU A 77 -19.09 -11.37 5.75
C LEU A 77 -19.72 -10.96 7.08
N GLU A 78 -19.12 -11.37 8.18
CA GLU A 78 -19.67 -11.02 9.48
C GLU A 78 -19.00 -9.79 10.09
N GLY A 79 -19.83 -8.86 10.57
CA GLY A 79 -19.32 -7.65 11.18
C GLY A 79 -18.72 -7.92 12.54
N PRO A 80 -18.35 -6.86 13.28
CA PRO A 80 -17.75 -6.98 14.61
C PRO A 80 -18.61 -7.69 15.65
N LEU A 81 -19.93 -7.53 15.56
CA LEU A 81 -20.80 -8.18 16.52
C LEU A 81 -21.49 -9.38 15.90
N GLY A 82 -20.80 -10.03 14.97
CA GLY A 82 -21.34 -11.21 14.30
C GLY A 82 -22.43 -10.95 13.27
N GLU A 83 -22.93 -9.72 13.21
CA GLU A 83 -23.99 -9.36 12.27
C GLU A 83 -23.61 -9.63 10.81
N GLU A 84 -24.59 -9.47 9.92
CA GLU A 84 -24.36 -9.66 8.50
C GLU A 84 -24.05 -8.30 7.90
N VAL A 85 -22.78 -8.04 7.64
CA VAL A 85 -22.38 -6.76 7.06
C VAL A 85 -22.48 -6.83 5.55
N GLU A 86 -22.67 -5.66 4.94
CA GLU A 86 -22.77 -5.56 3.50
C GLU A 86 -21.80 -4.52 2.95
N GLY A 87 -21.78 -4.40 1.62
CA GLY A 87 -20.91 -3.45 0.97
C GLY A 87 -20.04 -4.19 -0.03
N ARG A 88 -19.48 -3.46 -0.97
CA ARG A 88 -18.61 -4.07 -1.97
C ARG A 88 -17.45 -4.80 -1.29
N LEU A 89 -17.25 -6.05 -1.64
CA LEU A 89 -16.17 -6.85 -1.06
C LEU A 89 -14.84 -6.62 -1.75
N LEU A 90 -13.77 -6.73 -0.98
CA LEU A 90 -12.41 -6.54 -1.47
C LEU A 90 -11.45 -7.21 -0.51
N LEU A 91 -10.18 -7.30 -0.91
CA LEU A 91 -9.16 -7.88 -0.06
C LEU A 91 -8.64 -6.66 0.68
N ARG A 92 -8.58 -6.72 2.00
CA ARG A 92 -8.11 -5.57 2.77
C ARG A 92 -6.75 -5.09 2.27
N THR A 93 -6.64 -3.78 2.02
CA THR A 93 -5.41 -3.17 1.55
C THR A 93 -4.49 -2.82 2.73
N HIS A 94 -4.95 -3.08 3.94
CA HIS A 94 -4.19 -2.82 5.17
C HIS A 94 -4.97 -3.32 6.37
N THR A 95 -4.32 -3.43 7.51
CA THR A 95 -4.98 -3.93 8.72
C THR A 95 -5.87 -2.88 9.41
N SER A 96 -5.73 -1.62 9.02
CA SER A 96 -6.51 -0.53 9.61
C SER A 96 -8.01 -0.79 9.83
N PRO A 97 -8.70 -1.43 8.87
CA PRO A 97 -10.13 -1.67 9.11
C PRO A 97 -10.39 -2.38 10.45
N MET A 98 -9.43 -3.19 10.87
CA MET A 98 -9.57 -3.93 12.11
C MET A 98 -9.69 -3.02 13.33
N GLN A 99 -9.13 -1.82 13.25
CA GLN A 99 -9.24 -0.96 14.39
C GLN A 99 -10.66 -0.39 14.50
N VAL A 100 -11.40 -0.40 13.40
CA VAL A 100 -12.78 0.08 13.45
C VAL A 100 -13.61 -1.06 14.02
N ARG A 101 -13.38 -2.27 13.53
CA ARG A 101 -14.13 -3.42 14.02
C ARG A 101 -13.94 -3.57 15.55
N TYR A 102 -12.71 -3.53 16.01
CA TYR A 102 -12.43 -3.67 17.44
C TYR A 102 -13.15 -2.62 18.29
N MET A 103 -13.08 -1.36 17.88
CA MET A 103 -13.71 -0.31 18.62
C MET A 103 -15.23 -0.41 18.74
N VAL A 104 -15.92 -0.90 17.71
CA VAL A 104 -17.36 -1.01 17.83
C VAL A 104 -17.65 -2.13 18.82
N ALA A 105 -16.77 -3.14 18.86
CA ALA A 105 -16.93 -4.29 19.73
C ALA A 105 -16.37 -4.19 21.16
N HIS A 106 -15.71 -3.09 21.50
CA HIS A 106 -15.16 -2.94 22.84
C HIS A 106 -15.26 -1.51 23.36
N THR A 107 -14.71 -1.28 24.56
CA THR A 107 -14.78 0.04 25.13
C THR A 107 -13.42 0.48 25.64
N PRO A 108 -13.09 1.77 25.50
CA PRO A 108 -11.80 2.26 25.96
C PRO A 108 -11.75 2.31 27.48
N PRO A 109 -10.54 2.33 28.05
CA PRO A 109 -9.25 2.31 27.36
C PRO A 109 -8.74 0.92 27.04
N PHE A 110 -7.87 0.85 26.02
CA PHE A 110 -7.28 -0.42 25.62
C PHE A 110 -6.02 -0.24 24.75
N ARG A 111 -5.29 -1.34 24.54
CA ARG A 111 -4.10 -1.36 23.71
C ARG A 111 -4.15 -2.60 22.84
N ILE A 112 -4.26 -2.44 21.53
CA ILE A 112 -4.29 -3.62 20.68
C ILE A 112 -3.24 -3.52 19.58
N VAL A 113 -2.90 -4.68 19.06
CA VAL A 113 -1.93 -4.79 17.99
C VAL A 113 -2.58 -5.85 17.11
N VAL A 114 -2.65 -5.58 15.81
CA VAL A 114 -3.28 -6.56 14.92
C VAL A 114 -2.42 -6.86 13.71
N PRO A 115 -1.78 -8.02 13.73
CA PRO A 115 -0.93 -8.45 12.63
C PRO A 115 -1.89 -8.95 11.54
N GLY A 116 -1.41 -9.04 10.30
CA GLY A 116 -2.31 -9.53 9.28
C GLY A 116 -1.82 -9.49 7.85
N ARG A 117 -2.40 -10.40 7.06
CA ARG A 117 -2.08 -10.50 5.66
C ARG A 117 -2.87 -9.42 4.95
N VAL A 118 -2.21 -8.67 4.08
CA VAL A 118 -2.87 -7.60 3.33
C VAL A 118 -2.58 -7.78 1.84
N PHE A 119 -3.40 -7.14 1.01
CA PHE A 119 -3.26 -7.26 -0.44
C PHE A 119 -3.36 -5.95 -1.21
N ARG A 120 -2.43 -5.75 -2.14
CA ARG A 120 -2.40 -4.55 -2.99
C ARG A 120 -2.20 -5.03 -4.41
N PHE A 121 -2.93 -4.46 -5.36
CA PHE A 121 -2.71 -4.85 -6.75
C PHE A 121 -1.40 -4.17 -7.15
N GLU A 122 -0.34 -4.96 -7.25
CA GLU A 122 0.97 -4.41 -7.59
C GLU A 122 1.86 -5.42 -8.32
N GLN A 123 2.93 -4.94 -8.92
CA GLN A 123 3.85 -5.80 -9.64
C GLN A 123 4.94 -6.32 -8.70
N THR A 124 5.04 -7.64 -8.62
CA THR A 124 5.99 -8.34 -7.76
C THR A 124 7.46 -8.28 -8.18
N ASP A 125 8.27 -7.52 -7.44
CA ASP A 125 9.70 -7.44 -7.74
C ASP A 125 10.56 -7.82 -6.53
N ALA A 126 11.82 -7.36 -6.51
CA ALA A 126 12.75 -7.67 -5.42
C ALA A 126 12.39 -7.10 -4.05
N THR A 127 11.71 -5.97 -4.04
CA THR A 127 11.31 -5.34 -2.79
C THR A 127 9.85 -4.90 -2.79
N HIS A 128 9.01 -5.60 -3.56
CA HIS A 128 7.59 -5.28 -3.64
C HIS A 128 6.71 -6.52 -3.81
N GLU A 129 5.62 -6.56 -3.05
CA GLU A 129 4.69 -7.67 -3.11
C GLU A 129 3.24 -7.21 -3.21
N ALA A 130 2.41 -8.10 -3.72
CA ALA A 130 0.99 -7.84 -3.87
C ALA A 130 0.34 -8.44 -2.64
N VAL A 131 1.07 -9.37 -2.03
CA VAL A 131 0.62 -10.06 -0.83
C VAL A 131 1.71 -9.93 0.22
N PHE A 132 1.45 -9.15 1.27
CA PHE A 132 2.42 -8.97 2.36
C PHE A 132 1.74 -8.84 3.72
N HIS A 133 2.51 -8.51 4.75
CA HIS A 133 1.97 -8.39 6.09
C HIS A 133 2.21 -7.04 6.75
N GLN A 134 1.28 -6.63 7.60
CA GLN A 134 1.39 -5.38 8.34
C GLN A 134 1.07 -5.65 9.80
N LEU A 135 1.50 -4.74 10.68
CA LEU A 135 1.21 -4.86 12.10
C LEU A 135 0.61 -3.51 12.48
N GLU A 136 -0.66 -3.52 12.86
CA GLU A 136 -1.31 -2.29 13.25
C GLU A 136 -1.31 -2.18 14.75
N GLY A 137 -1.28 -0.93 15.23
CA GLY A 137 -1.31 -0.68 16.66
C GLY A 137 -2.43 0.31 16.88
N LEU A 138 -3.07 0.22 18.04
CA LEU A 138 -4.15 1.14 18.39
C LEU A 138 -4.29 1.20 19.89
N VAL A 139 -4.12 2.39 20.44
CA VAL A 139 -4.24 2.63 21.87
C VAL A 139 -5.19 3.82 21.99
N VAL A 140 -6.32 3.58 22.65
CA VAL A 140 -7.35 4.61 22.85
C VAL A 140 -7.65 4.76 24.33
N GLY A 141 -8.01 5.97 24.74
CA GLY A 141 -8.32 6.19 26.14
C GLY A 141 -8.24 7.65 26.53
N GLU A 142 -8.86 7.99 27.65
CA GLU A 142 -8.84 9.35 28.15
C GLU A 142 -7.39 9.82 28.32
N GLY A 143 -7.06 10.99 27.79
CA GLY A 143 -5.71 11.53 27.94
C GLY A 143 -4.58 11.01 27.07
N ILE A 144 -4.86 10.06 26.17
CA ILE A 144 -3.83 9.53 25.29
C ILE A 144 -3.34 10.64 24.36
N ALA A 145 -2.02 10.84 24.32
CA ALA A 145 -1.44 11.92 23.52
C ALA A 145 -0.32 11.46 22.58
N MET A 146 0.02 12.32 21.61
CA MET A 146 1.06 12.00 20.67
C MET A 146 2.39 11.71 21.36
N ALA A 147 2.56 12.23 22.56
CA ALA A 147 3.77 11.98 23.32
C ALA A 147 3.84 10.48 23.61
N HIS A 148 2.68 9.85 23.74
CA HIS A 148 2.63 8.41 24.01
C HIS A 148 2.94 7.60 22.77
N LEU A 149 2.48 8.08 21.62
CA LEU A 149 2.75 7.39 20.36
C LEU A 149 4.27 7.33 20.22
N LYS A 150 4.91 8.49 20.34
CA LYS A 150 6.37 8.56 20.22
C LYS A 150 7.04 7.64 21.24
N GLY A 151 6.49 7.56 22.44
CA GLY A 151 7.08 6.69 23.44
C GLY A 151 7.03 5.24 23.01
N ALA A 152 5.91 4.86 22.40
CA ALA A 152 5.71 3.50 21.94
C ALA A 152 6.78 3.12 20.94
N ILE A 153 6.90 3.92 19.90
CA ILE A 153 7.87 3.67 18.85
C ILE A 153 9.30 3.75 19.34
N TYR A 154 9.54 4.58 20.35
CA TYR A 154 10.86 4.66 20.93
C TYR A 154 11.16 3.29 21.51
N GLU A 155 10.17 2.72 22.21
CA GLU A 155 10.33 1.40 22.82
C GLU A 155 10.49 0.31 21.77
N LEU A 156 9.77 0.45 20.66
CA LEU A 156 9.88 -0.52 19.58
C LEU A 156 11.33 -0.56 19.09
N ALA A 157 11.87 0.63 18.82
CA ALA A 157 13.24 0.76 18.33
C ALA A 157 14.23 0.16 19.31
N GLN A 158 14.22 0.63 20.54
CA GLN A 158 15.13 0.10 21.55
C GLN A 158 15.03 -1.43 21.57
N ALA A 159 13.82 -1.93 21.62
CA ALA A 159 13.62 -3.37 21.67
C ALA A 159 14.16 -4.11 20.46
N LEU A 160 14.11 -3.44 19.30
CA LEU A 160 14.55 -4.05 18.05
C LEU A 160 16.02 -3.85 17.71
N PHE A 161 16.54 -2.66 17.96
CA PHE A 161 17.93 -2.40 17.60
C PHE A 161 18.92 -2.06 18.70
N GLY A 162 18.51 -2.18 19.95
CA GLY A 162 19.43 -1.90 21.03
C GLY A 162 19.42 -0.48 21.53
N PRO A 163 20.14 -0.19 22.63
CA PRO A 163 20.23 1.12 23.25
C PRO A 163 20.70 2.25 22.36
N ASP A 164 21.50 1.93 21.34
CA ASP A 164 22.00 2.96 20.45
C ASP A 164 21.07 3.24 19.29
N SER A 165 19.83 2.78 19.41
CA SER A 165 18.85 3.00 18.36
C SER A 165 18.11 4.30 18.66
N LYS A 166 17.54 4.92 17.62
CA LYS A 166 16.81 6.18 17.77
C LYS A 166 15.61 6.19 16.84
N VAL A 167 14.63 7.04 17.14
CA VAL A 167 13.45 7.15 16.29
C VAL A 167 13.34 8.56 15.74
N ARG A 168 12.65 8.68 14.62
CA ARG A 168 12.47 9.96 13.96
C ARG A 168 11.05 10.05 13.42
N PHE A 169 10.37 11.16 13.69
CA PHE A 169 9.01 11.39 13.25
C PHE A 169 8.93 12.62 12.33
N GLN A 170 8.16 12.51 11.25
CA GLN A 170 7.98 13.62 10.32
C GLN A 170 6.54 13.63 9.90
N PRO A 171 5.95 14.82 9.72
CA PRO A 171 4.55 14.84 9.32
C PRO A 171 4.32 14.09 8.00
N VAL A 172 3.20 13.39 7.91
CA VAL A 172 2.84 12.69 6.68
C VAL A 172 1.31 12.53 6.73
N TYR A 173 0.69 12.25 5.60
CA TYR A 173 -0.75 12.17 5.53
C TYR A 173 -1.46 10.82 5.49
N PHE A 174 -2.54 10.73 6.26
CA PHE A 174 -3.39 9.56 6.33
C PHE A 174 -4.78 10.09 6.62
N PRO A 175 -5.78 9.66 5.85
CA PRO A 175 -7.14 10.16 6.12
C PRO A 175 -7.66 9.80 7.53
N PHE A 176 -7.11 8.75 8.13
CA PHE A 176 -7.54 8.31 9.46
C PHE A 176 -6.80 8.84 10.68
N VAL A 177 -5.87 9.78 10.49
CA VAL A 177 -5.16 10.39 11.63
C VAL A 177 -4.87 11.87 11.41
N GLU A 178 -4.78 12.61 12.53
CA GLU A 178 -4.48 14.06 12.49
C GLU A 178 -4.15 14.51 13.91
N PRO A 179 -2.87 14.81 14.18
CA PRO A 179 -1.70 14.77 13.31
C PRO A 179 -1.40 13.41 12.66
N GLY A 180 -0.72 13.48 11.51
CA GLY A 180 -0.32 12.27 10.80
C GLY A 180 1.20 12.23 10.83
N ALA A 181 1.80 11.06 10.69
CA ALA A 181 3.25 11.01 10.74
C ALA A 181 3.88 9.74 10.19
N GLN A 182 5.12 9.84 9.75
CA GLN A 182 5.87 8.69 9.29
C GLN A 182 7.02 8.60 10.29
N PHE A 183 7.45 7.39 10.64
CA PHE A 183 8.55 7.26 11.57
C PHE A 183 9.63 6.33 11.05
N ALA A 184 10.87 6.66 11.36
CA ALA A 184 12.01 5.88 10.94
C ALA A 184 12.83 5.58 12.20
N VAL A 185 13.50 4.43 12.19
CA VAL A 185 14.31 4.04 13.33
C VAL A 185 15.75 3.91 12.91
N TRP A 186 16.65 4.38 13.78
CA TRP A 186 18.06 4.31 13.47
C TRP A 186 18.56 2.89 13.71
N TRP A 187 19.23 2.35 12.70
CA TRP A 187 19.79 1.01 12.79
C TRP A 187 21.30 1.17 12.84
N PRO A 188 21.87 1.20 14.07
CA PRO A 188 23.31 1.36 14.29
C PRO A 188 24.28 0.50 13.44
N GLU A 189 23.93 -0.76 13.21
CA GLU A 189 24.78 -1.65 12.41
C GLU A 189 24.81 -1.25 10.94
N GLY A 190 23.63 -1.18 10.32
CA GLY A 190 23.58 -0.79 8.92
C GLY A 190 23.82 0.69 8.76
N GLY A 191 24.00 1.38 9.89
CA GLY A 191 24.25 2.81 9.83
C GLY A 191 23.32 3.56 8.90
N LYS A 192 22.01 3.44 9.13
CA LYS A 192 21.05 4.14 8.29
C LYS A 192 19.64 4.18 8.89
N TRP A 193 18.85 5.15 8.45
CA TRP A 193 17.49 5.31 8.90
C TRP A 193 16.53 4.44 8.10
N LEU A 194 15.75 3.63 8.80
CA LEU A 194 14.78 2.77 8.15
C LEU A 194 13.38 3.33 8.28
N GLU A 195 12.74 3.65 7.17
CA GLU A 195 11.38 4.17 7.20
C GLU A 195 10.48 2.98 7.56
N LEU A 196 10.03 2.92 8.82
CA LEU A 196 9.22 1.81 9.34
C LEU A 196 7.72 1.80 9.15
N GLY A 197 7.05 2.92 9.38
CA GLY A 197 5.62 2.95 9.22
C GLY A 197 4.97 4.31 9.43
N GLY A 198 3.65 4.33 9.40
CA GLY A 198 2.94 5.58 9.57
C GLY A 198 2.25 5.53 10.91
N ALA A 199 1.66 6.66 11.33
CA ALA A 199 0.99 6.73 12.62
C ALA A 199 0.39 8.12 12.83
N GLY A 200 -0.21 8.32 14.00
CA GLY A 200 -0.82 9.59 14.34
C GLY A 200 -1.91 9.44 15.38
N MET A 201 -2.62 10.53 15.64
CA MET A 201 -3.73 10.50 16.60
C MET A 201 -5.00 10.14 15.83
N VAL A 202 -5.72 9.12 16.29
CA VAL A 202 -6.96 8.69 15.61
C VAL A 202 -7.81 9.90 15.20
N HIS A 203 -8.20 9.92 13.93
CA HIS A 203 -8.97 11.03 13.40
C HIS A 203 -10.37 11.12 14.00
N PRO A 204 -10.83 12.34 14.28
CA PRO A 204 -12.16 12.57 14.85
C PRO A 204 -13.25 11.81 14.08
N LYS A 205 -13.19 11.87 12.76
CA LYS A 205 -14.20 11.18 11.97
C LYS A 205 -14.18 9.66 12.14
N VAL A 206 -13.07 9.08 12.60
CA VAL A 206 -13.02 7.64 12.79
C VAL A 206 -13.82 7.27 14.03
N PHE A 207 -13.61 8.04 15.10
CA PHE A 207 -14.34 7.79 16.33
C PHE A 207 -15.83 7.98 16.05
N GLN A 208 -16.15 8.98 15.22
CA GLN A 208 -17.54 9.24 14.86
C GLN A 208 -18.15 8.06 14.10
N ALA A 209 -17.41 7.51 13.15
CA ALA A 209 -17.91 6.38 12.39
C ALA A 209 -18.18 5.21 13.33
N VAL A 210 -17.26 4.99 14.26
CA VAL A 210 -17.38 3.91 15.22
C VAL A 210 -18.64 4.04 16.06
N ASP A 211 -18.86 5.20 16.66
CA ASP A 211 -20.04 5.39 17.48
C ASP A 211 -21.34 5.43 16.70
N ALA A 212 -21.27 5.69 15.40
CA ALA A 212 -22.49 5.72 14.61
C ALA A 212 -22.87 4.28 14.34
N TYR A 213 -21.89 3.47 13.98
CA TYR A 213 -22.14 2.07 13.71
C TYR A 213 -22.61 1.35 14.97
N ARG A 214 -22.14 1.80 16.13
CA ARG A 214 -22.53 1.22 17.40
C ARG A 214 -24.02 1.52 17.63
N GLU A 215 -24.41 2.77 17.43
CA GLU A 215 -25.79 3.16 17.62
C GLU A 215 -26.67 2.43 16.63
N ARG A 216 -26.20 2.32 15.40
CA ARG A 216 -26.97 1.63 14.38
C ARG A 216 -27.11 0.16 14.80
N LEU A 217 -26.35 -0.26 15.81
CA LEU A 217 -26.40 -1.63 16.30
C LEU A 217 -27.01 -1.71 17.70
N GLY A 218 -27.42 -0.56 18.25
CA GLY A 218 -28.01 -0.55 19.56
C GLY A 218 -27.04 -0.34 20.69
N LEU A 219 -25.75 -0.31 20.40
CA LEU A 219 -24.74 -0.08 21.43
C LEU A 219 -24.65 1.41 21.73
N PRO A 220 -24.28 1.77 22.96
CA PRO A 220 -24.16 3.19 23.33
C PRO A 220 -22.81 3.77 22.87
N PRO A 221 -22.72 5.09 22.66
CA PRO A 221 -21.44 5.65 22.23
C PRO A 221 -20.35 5.42 23.25
N ALA A 222 -19.11 5.19 22.79
CA ALA A 222 -18.03 4.94 23.73
C ALA A 222 -16.75 5.71 23.43
N TYR A 223 -16.73 6.45 22.34
CA TYR A 223 -15.51 7.16 22.00
C TYR A 223 -15.68 8.66 21.86
N ARG A 224 -16.62 9.19 22.62
CA ARG A 224 -16.91 10.62 22.58
C ARG A 224 -15.84 11.42 23.32
N GLY A 225 -15.46 10.97 24.52
CA GLY A 225 -14.49 11.73 25.28
C GLY A 225 -13.14 11.07 25.48
N VAL A 226 -12.60 10.50 24.40
CA VAL A 226 -11.30 9.86 24.48
C VAL A 226 -10.51 10.18 23.22
N THR A 227 -9.20 9.91 23.27
CA THR A 227 -8.36 10.11 22.11
C THR A 227 -7.50 8.86 22.00
N GLY A 228 -6.64 8.82 21.00
CA GLY A 228 -5.80 7.65 20.83
C GLY A 228 -4.83 7.78 19.68
N PHE A 229 -3.86 6.87 19.63
CA PHE A 229 -2.91 6.91 18.55
C PHE A 229 -2.97 5.58 17.85
N ALA A 230 -2.50 5.56 16.62
CA ALA A 230 -2.49 4.34 15.82
C ALA A 230 -1.25 4.37 14.97
N PHE A 231 -0.73 3.19 14.65
CA PHE A 231 0.44 3.11 13.80
C PHE A 231 0.31 1.86 12.96
N GLY A 232 1.09 1.78 11.89
CA GLY A 232 1.06 0.61 11.02
C GLY A 232 2.44 0.39 10.44
N LEU A 233 2.96 -0.83 10.53
CA LEU A 233 4.29 -1.08 10.00
C LEU A 233 4.38 -2.37 9.19
N GLY A 234 5.11 -2.29 8.08
CA GLY A 234 5.29 -3.43 7.19
C GLY A 234 6.22 -4.46 7.80
N VAL A 235 5.81 -5.71 7.76
CA VAL A 235 6.61 -6.77 8.33
C VAL A 235 7.75 -7.24 7.44
N GLU A 236 7.46 -7.58 6.17
CA GLU A 236 8.49 -8.06 5.25
C GLU A 236 9.74 -7.18 5.21
N ARG A 237 9.54 -5.88 5.13
CA ARG A 237 10.66 -4.95 5.09
C ARG A 237 11.54 -5.17 6.32
N LEU A 238 10.90 -5.30 7.48
CA LEU A 238 11.62 -5.50 8.73
C LEU A 238 12.26 -6.88 8.79
N ALA A 239 11.50 -7.90 8.41
CA ALA A 239 11.99 -9.27 8.41
C ALA A 239 13.23 -9.35 7.54
N MET A 240 13.14 -8.73 6.37
CA MET A 240 14.24 -8.71 5.43
C MET A 240 15.50 -8.14 6.06
N LEU A 241 15.41 -6.91 6.54
CA LEU A 241 16.55 -6.27 7.16
C LEU A 241 17.07 -7.05 8.36
N ARG A 242 16.18 -7.75 9.05
CA ARG A 242 16.57 -8.48 10.24
C ARG A 242 17.16 -9.87 10.03
N TYR A 243 16.83 -10.51 8.91
CA TYR A 243 17.37 -11.84 8.64
C TYR A 243 18.31 -11.82 7.43
N GLY A 244 18.46 -10.64 6.85
CA GLY A 244 19.31 -10.49 5.68
C GLY A 244 18.73 -11.27 4.52
N ILE A 245 17.43 -11.10 4.29
CA ILE A 245 16.78 -11.79 3.18
C ILE A 245 16.77 -10.78 2.05
N PRO A 246 17.42 -11.11 0.92
CA PRO A 246 17.55 -10.25 -0.25
C PRO A 246 16.34 -10.06 -1.17
N ASP A 247 15.48 -11.07 -1.27
CA ASP A 247 14.33 -10.97 -2.16
C ASP A 247 12.98 -11.22 -1.45
N ILE A 248 12.20 -10.15 -1.36
CA ILE A 248 10.88 -10.17 -0.71
C ILE A 248 10.03 -11.30 -1.27
N ARG A 249 10.37 -11.77 -2.47
CA ARG A 249 9.63 -12.85 -3.12
C ARG A 249 9.81 -14.24 -2.53
N TYR A 250 10.87 -14.42 -1.74
CA TYR A 250 11.14 -15.71 -1.14
C TYR A 250 10.09 -16.13 -0.12
N PHE A 251 9.51 -15.15 0.57
CA PHE A 251 8.53 -15.44 1.60
C PHE A 251 7.41 -16.34 1.13
N PHE A 252 6.79 -16.00 0.01
CA PHE A 252 5.70 -16.82 -0.53
C PHE A 252 6.17 -17.81 -1.60
N GLY A 253 7.49 -17.91 -1.76
CA GLY A 253 8.06 -18.83 -2.73
C GLY A 253 7.87 -20.30 -2.37
N GLY A 254 7.86 -20.59 -1.07
CA GLY A 254 7.67 -21.97 -0.64
C GLY A 254 8.91 -22.84 -0.76
N ARG A 255 10.03 -22.26 -1.14
CA ARG A 255 11.25 -23.04 -1.28
C ARG A 255 11.84 -23.48 0.06
N LEU A 256 11.88 -24.80 0.29
CA LEU A 256 12.42 -25.36 1.53
C LEU A 256 13.85 -24.89 1.83
N LYS A 257 14.71 -24.89 0.81
CA LYS A 257 16.10 -24.46 0.97
C LYS A 257 16.10 -23.10 1.67
N PHE A 258 15.05 -22.33 1.42
CA PHE A 258 14.90 -21.01 2.02
C PHE A 258 14.30 -21.12 3.41
N LEU A 259 13.10 -21.67 3.51
CA LEU A 259 12.40 -21.81 4.78
C LEU A 259 13.28 -22.49 5.82
N GLU A 260 13.85 -23.64 5.44
CA GLU A 260 14.71 -24.40 6.34
C GLU A 260 15.76 -23.56 7.05
N GLN A 261 16.19 -22.48 6.41
CA GLN A 261 17.20 -21.62 7.00
C GLN A 261 16.78 -20.86 8.27
N PHE A 262 15.53 -21.01 8.68
CA PHE A 262 15.07 -20.31 9.87
C PHE A 262 14.62 -21.23 11.00
N LYS A 263 15.08 -22.48 10.96
CA LYS A 263 14.74 -23.44 12.01
C LYS A 263 15.42 -22.98 13.29
N GLY A 264 16.67 -22.59 13.19
CA GLY A 264 17.36 -22.11 14.37
C GLY A 264 16.64 -20.92 15.01
N VAL A 265 16.55 -19.81 14.27
CA VAL A 265 15.90 -18.58 14.70
C VAL A 265 14.84 -18.83 15.78
N LEU A 266 15.16 -18.38 16.98
CA LEU A 266 14.45 -19.12 18.19
C LEU A 266 13.78 -20.51 18.13
N MET B 1 7.03 16.43 -7.26
CA MET B 1 7.09 17.81 -7.82
C MET B 1 8.53 18.33 -7.79
N ARG B 2 8.99 18.87 -8.89
CA ARG B 2 10.36 19.39 -8.93
C ARG B 2 10.42 20.77 -8.27
N VAL B 3 11.35 20.93 -7.34
CA VAL B 3 11.49 22.21 -6.66
C VAL B 3 12.87 22.82 -6.91
N PRO B 4 12.97 23.74 -7.89
CA PRO B 4 14.23 24.39 -8.22
C PRO B 4 14.63 25.36 -7.11
N PHE B 5 15.74 25.05 -6.45
CA PHE B 5 16.22 25.88 -5.35
C PHE B 5 16.20 27.40 -5.58
N SER B 6 16.85 27.87 -6.63
CA SER B 6 16.89 29.30 -6.84
C SER B 6 15.54 29.93 -7.16
N TRP B 7 14.60 29.12 -7.61
CA TRP B 7 13.29 29.66 -7.93
C TRP B 7 12.57 29.88 -6.59
N LEU B 8 12.56 28.83 -5.76
CA LEU B 8 11.95 28.93 -4.45
C LEU B 8 12.58 30.11 -3.71
N LYS B 9 13.91 30.20 -3.82
CA LYS B 9 14.66 31.26 -3.16
C LYS B 9 14.12 32.66 -3.51
N ALA B 10 13.48 32.80 -4.65
CA ALA B 10 12.92 34.10 -5.03
C ALA B 10 11.75 34.50 -4.13
N TYR B 11 11.13 33.52 -3.47
CA TYR B 11 10.01 33.79 -2.57
C TYR B 11 10.53 33.74 -1.13
N VAL B 12 11.50 32.87 -0.90
CA VAL B 12 12.11 32.70 0.41
C VAL B 12 13.61 33.02 0.27
N PRO B 13 13.95 34.32 0.16
CA PRO B 13 15.33 34.81 0.01
C PRO B 13 16.38 34.31 0.99
N GLU B 14 15.98 34.05 2.23
CA GLU B 14 16.94 33.63 3.26
C GLU B 14 17.32 32.13 3.31
N LEU B 15 16.81 31.31 2.37
CA LEU B 15 17.13 29.89 2.39
C LEU B 15 18.64 29.66 2.46
N GLU B 16 19.06 28.87 3.43
CA GLU B 16 20.47 28.58 3.66
C GLU B 16 21.16 27.78 2.56
N SER B 17 20.45 26.81 2.00
CA SER B 17 21.04 25.95 0.98
C SER B 17 20.08 24.81 0.66
N PRO B 18 20.30 24.11 -0.46
CA PRO B 18 19.39 23.01 -0.76
C PRO B 18 19.32 21.93 0.33
N GLU B 19 20.46 21.62 0.95
CA GLU B 19 20.49 20.59 2.00
C GLU B 19 19.62 21.01 3.19
N VAL B 20 19.79 22.26 3.63
CA VAL B 20 19.00 22.76 4.75
C VAL B 20 17.55 22.88 4.33
N LEU B 21 17.31 23.23 3.07
CA LEU B 21 15.94 23.33 2.56
C LEU B 21 15.29 21.94 2.61
N GLU B 22 16.05 20.91 2.27
CA GLU B 22 15.51 19.56 2.31
C GLU B 22 15.10 19.22 3.72
N GLU B 23 15.94 19.60 4.67
CA GLU B 23 15.66 19.35 6.06
C GLU B 23 14.36 20.06 6.48
N ARG B 24 14.27 21.35 6.18
CA ARG B 24 13.11 22.14 6.51
C ARG B 24 11.81 21.60 5.91
N LEU B 25 11.85 21.13 4.67
CA LEU B 25 10.65 20.60 4.06
C LEU B 25 10.28 19.26 4.70
N ALA B 26 11.27 18.51 5.17
CA ALA B 26 10.97 17.22 5.79
C ALA B 26 10.15 17.43 7.05
N GLY B 27 10.58 18.37 7.90
CA GLY B 27 9.87 18.65 9.13
C GLY B 27 8.51 19.30 8.89
N LEU B 28 8.30 19.81 7.68
CA LEU B 28 7.04 20.43 7.32
C LEU B 28 6.05 19.39 6.77
N GLY B 29 6.58 18.24 6.39
CA GLY B 29 5.75 17.16 5.88
C GLY B 29 5.98 16.81 4.41
N PHE B 30 7.13 17.22 3.89
CA PHE B 30 7.46 16.96 2.49
C PHE B 30 8.81 16.28 2.39
N GLU B 31 8.79 15.06 1.87
CA GLU B 31 10.01 14.27 1.75
C GLU B 31 10.63 14.44 0.38
N THR B 32 11.95 14.67 0.32
CA THR B 32 12.57 14.81 -0.98
C THR B 32 13.17 13.47 -1.38
N ASP B 33 12.75 13.00 -2.55
CA ASP B 33 13.21 11.74 -3.08
C ASP B 33 14.64 11.84 -3.61
N ARG B 34 15.08 13.04 -3.97
CA ARG B 34 16.45 13.27 -4.45
C ARG B 34 16.82 14.72 -4.74
N ILE B 35 18.08 15.07 -4.53
CA ILE B 35 18.58 16.43 -4.80
C ILE B 35 19.49 16.33 -6.03
N GLU B 36 19.43 17.29 -6.93
CA GLU B 36 20.26 17.23 -8.14
C GLU B 36 20.79 18.55 -8.66
N ARG B 37 22.06 18.59 -9.06
CA ARG B 37 22.63 19.82 -9.64
C ARG B 37 22.33 19.60 -11.11
N VAL B 38 21.82 20.60 -11.83
CA VAL B 38 21.46 20.33 -13.22
C VAL B 38 21.95 21.07 -14.45
N PHE B 39 22.44 22.29 -14.38
CA PHE B 39 22.83 22.87 -15.67
C PHE B 39 24.29 23.17 -15.91
N PRO B 40 25.14 22.14 -15.93
CA PRO B 40 26.54 22.49 -16.16
C PRO B 40 26.68 22.94 -17.63
N ILE B 41 27.19 24.15 -17.82
CA ILE B 41 27.37 24.68 -19.15
C ILE B 41 28.83 25.10 -19.28
N PRO B 42 29.59 24.45 -20.20
CA PRO B 42 31.01 24.73 -20.45
C PRO B 42 31.20 26.15 -20.91
N ARG B 43 32.43 26.65 -20.85
CA ARG B 43 32.66 28.02 -21.29
C ARG B 43 32.52 28.14 -22.81
N GLY B 44 32.77 27.03 -23.51
CA GLY B 44 32.65 27.02 -24.96
C GLY B 44 31.29 27.40 -25.52
N VAL B 45 30.24 27.29 -24.70
CA VAL B 45 28.89 27.63 -25.13
C VAL B 45 28.60 29.11 -24.92
N VAL B 46 28.39 29.86 -25.99
CA VAL B 46 28.11 31.30 -25.85
C VAL B 46 26.79 31.70 -26.48
N PHE B 47 26.30 32.87 -26.08
CA PHE B 47 25.06 33.37 -26.63
C PHE B 47 25.34 33.94 -28.01
N ALA B 48 24.47 33.65 -28.97
CA ALA B 48 24.65 34.17 -30.31
C ALA B 48 23.34 34.66 -30.87
N ARG B 49 23.44 35.63 -31.77
CA ARG B 49 22.27 36.20 -32.40
C ARG B 49 22.23 35.73 -33.85
N VAL B 50 21.09 35.24 -34.29
CA VAL B 50 20.95 34.77 -35.68
C VAL B 50 20.67 35.98 -36.55
N LEU B 51 21.69 36.46 -37.27
CA LEU B 51 21.55 37.62 -38.14
C LEU B 51 20.78 37.22 -39.38
N GLU B 52 21.00 35.99 -39.84
CA GLU B 52 20.29 35.50 -41.01
C GLU B 52 20.37 33.99 -41.20
N ALA B 53 19.32 33.45 -41.81
CA ALA B 53 19.25 32.02 -42.09
C ALA B 53 19.19 31.88 -43.60
N HIS B 54 20.06 31.03 -44.15
CA HIS B 54 20.13 30.82 -45.60
C HIS B 54 20.01 29.34 -45.93
N PRO B 55 18.88 28.93 -46.50
CA PRO B 55 18.78 27.51 -46.82
C PRO B 55 19.85 27.06 -47.83
N ILE B 56 20.46 25.89 -47.59
CA ILE B 56 21.48 25.32 -48.47
C ILE B 56 20.75 24.60 -49.62
N PRO B 57 20.83 25.16 -50.84
CA PRO B 57 20.18 24.60 -52.03
C PRO B 57 20.41 23.12 -52.23
N GLY B 58 19.32 22.38 -52.29
CA GLY B 58 19.42 20.94 -52.49
C GLY B 58 19.39 20.14 -51.20
N THR B 59 19.38 20.84 -50.06
CA THR B 59 19.35 20.16 -48.77
C THR B 59 18.18 20.67 -47.97
N ARG B 60 17.95 20.06 -46.81
CA ARG B 60 16.91 20.54 -45.92
C ARG B 60 17.65 21.22 -44.76
N LEU B 61 18.89 21.64 -45.04
CA LEU B 61 19.72 22.32 -44.05
C LEU B 61 19.81 23.81 -44.33
N LYS B 62 20.17 24.58 -43.30
CA LYS B 62 20.28 26.03 -43.43
C LYS B 62 21.64 26.51 -42.95
N ARG B 63 22.12 27.59 -43.56
CA ARG B 63 23.37 28.19 -43.19
C ARG B 63 23.03 29.39 -42.30
N LEU B 64 23.37 29.29 -41.02
CA LEU B 64 23.08 30.38 -40.10
C LEU B 64 24.27 31.33 -40.02
N VAL B 65 23.98 32.62 -40.07
CA VAL B 65 25.02 33.64 -39.96
C VAL B 65 24.79 34.20 -38.57
N LEU B 66 25.69 33.88 -37.65
CA LEU B 66 25.54 34.31 -36.26
C LEU B 66 26.47 35.41 -35.80
N ASP B 67 25.92 36.33 -35.02
CA ASP B 67 26.74 37.37 -34.43
C ASP B 67 27.04 36.78 -33.06
N ALA B 68 28.30 36.43 -32.83
CA ALA B 68 28.74 35.83 -31.58
C ALA B 68 29.97 36.58 -31.06
N GLY B 69 29.98 37.90 -31.23
CA GLY B 69 31.12 38.70 -30.83
C GLY B 69 31.73 39.06 -32.18
N ARG B 70 32.08 38.02 -32.92
CA ARG B 70 32.61 38.12 -34.27
C ARG B 70 31.59 37.30 -35.06
N THR B 71 31.40 37.63 -36.34
CA THR B 71 30.44 36.89 -37.14
C THR B 71 30.95 35.50 -37.47
N VAL B 72 30.17 34.49 -37.11
CA VAL B 72 30.55 33.11 -37.39
C VAL B 72 29.40 32.50 -38.15
N GLU B 73 29.65 31.35 -38.76
CA GLU B 73 28.67 30.68 -39.56
C GLU B 73 28.53 29.25 -39.06
N VAL B 74 27.30 28.74 -39.08
CA VAL B 74 27.06 27.38 -38.60
C VAL B 74 25.94 26.77 -39.44
N VAL B 75 25.92 25.45 -39.58
CA VAL B 75 24.89 24.77 -40.36
C VAL B 75 23.91 24.06 -39.45
N SER B 76 22.62 24.26 -39.69
CA SER B 76 21.58 23.64 -38.87
C SER B 76 20.45 23.03 -39.68
N GLY B 77 19.86 21.98 -39.14
CA GLY B 77 18.76 21.32 -39.80
C GLY B 77 17.48 21.49 -39.01
N ALA B 78 17.54 22.29 -37.95
CA ALA B 78 16.39 22.54 -37.08
C ALA B 78 15.32 23.38 -37.78
N GLU B 79 14.06 22.93 -37.72
CA GLU B 79 12.98 23.65 -38.36
C GLU B 79 12.79 25.04 -37.77
N ASN B 80 13.07 25.22 -36.49
CA ASN B 80 12.87 26.52 -35.89
C ASN B 80 14.03 27.50 -36.11
N ALA B 81 15.13 27.02 -36.66
CA ALA B 81 16.28 27.88 -36.92
C ALA B 81 15.79 28.97 -37.85
N ARG B 82 16.00 30.23 -37.46
CA ARG B 82 15.53 31.35 -38.26
C ARG B 82 16.19 32.63 -37.78
N LYS B 83 16.12 33.66 -38.61
CA LYS B 83 16.69 34.95 -38.27
C LYS B 83 15.90 35.66 -37.16
N GLY B 84 16.60 36.43 -36.34
CA GLY B 84 15.92 37.17 -35.31
C GLY B 84 15.80 36.56 -33.93
N ILE B 85 16.39 35.38 -33.71
CA ILE B 85 16.32 34.79 -32.38
C ILE B 85 17.73 34.64 -31.84
N GLY B 86 17.84 34.39 -30.55
CA GLY B 86 19.14 34.18 -29.95
C GLY B 86 19.25 32.66 -29.85
N VAL B 87 20.46 32.13 -29.82
CA VAL B 87 20.66 30.69 -29.74
C VAL B 87 21.89 30.36 -28.91
N ALA B 88 22.00 29.09 -28.51
CA ALA B 88 23.13 28.62 -27.73
C ALA B 88 24.18 28.06 -28.70
N LEU B 89 25.26 28.81 -28.90
CA LEU B 89 26.35 28.41 -29.82
C LEU B 89 27.48 27.67 -29.10
N ALA B 90 27.70 26.42 -29.49
CA ALA B 90 28.80 25.64 -28.92
C ALA B 90 29.97 25.85 -29.89
N LEU B 91 30.95 26.63 -29.46
CA LEU B 91 32.11 26.92 -30.29
C LEU B 91 32.94 25.66 -30.43
N PRO B 92 33.72 25.56 -31.52
CA PRO B 92 34.57 24.37 -31.70
C PRO B 92 35.47 24.19 -30.48
N GLY B 93 35.57 22.96 -30.00
CA GLY B 93 36.39 22.68 -28.83
C GLY B 93 35.57 22.40 -27.57
N THR B 94 34.28 22.72 -27.63
CA THR B 94 33.42 22.50 -26.48
C THR B 94 33.07 21.05 -26.19
N GLU B 95 33.09 20.72 -24.93
CA GLU B 95 32.74 19.40 -24.40
C GLU B 95 31.27 19.49 -23.99
N LEU B 96 30.37 18.81 -24.74
CA LEU B 96 28.89 18.84 -24.48
C LEU B 96 28.39 17.57 -23.81
N PRO B 97 27.47 17.69 -22.80
CA PRO B 97 26.97 16.46 -22.16
C PRO B 97 26.43 15.40 -23.08
N GLY B 98 25.42 15.80 -23.82
CA GLY B 98 24.71 14.96 -24.73
C GLY B 98 25.58 14.18 -25.70
N LEU B 99 26.58 14.80 -26.27
CA LEU B 99 27.39 14.13 -27.31
C LEU B 99 28.61 13.34 -26.85
N GLY B 100 29.38 13.87 -25.90
CA GLY B 100 30.59 13.17 -25.47
C GLY B 100 31.64 13.21 -26.58
N GLN B 101 31.29 13.82 -27.71
CA GLN B 101 32.20 13.95 -28.85
C GLN B 101 32.53 15.43 -29.00
N LYS B 102 33.66 15.85 -28.43
CA LYS B 102 34.14 17.23 -28.49
C LYS B 102 33.62 17.95 -29.74
N VAL B 103 32.98 19.10 -29.56
CA VAL B 103 32.45 19.85 -30.68
C VAL B 103 33.60 20.47 -31.49
N GLY B 104 33.44 20.47 -32.80
CA GLY B 104 34.48 21.04 -33.63
C GLY B 104 33.98 21.80 -34.84
N GLU B 105 34.92 22.37 -35.58
CA GLU B 105 34.59 23.09 -36.79
C GLU B 105 34.53 22.02 -37.88
N ARG B 106 33.44 21.95 -38.63
CA ARG B 106 33.42 20.94 -39.68
C ARG B 106 32.63 21.34 -40.92
N VAL B 107 32.90 20.65 -42.01
CA VAL B 107 32.25 20.93 -43.26
C VAL B 107 30.98 20.13 -43.48
N ILE B 108 29.89 20.84 -43.70
CA ILE B 108 28.62 20.17 -43.95
C ILE B 108 28.03 20.81 -45.19
N GLN B 109 27.65 19.97 -46.15
CA GLN B 109 27.04 20.43 -47.37
C GLN B 109 27.64 21.72 -47.94
N GLY B 110 28.97 21.77 -48.05
CA GLY B 110 29.62 22.92 -48.63
C GLY B 110 29.95 24.12 -47.77
N VAL B 111 29.60 24.10 -46.49
CA VAL B 111 29.91 25.27 -45.67
C VAL B 111 30.59 24.87 -44.37
N ARG B 112 31.48 25.73 -43.88
CA ARG B 112 32.19 25.46 -42.64
C ARG B 112 31.34 25.84 -41.43
N SER B 113 30.85 24.84 -40.72
CA SER B 113 30.06 25.08 -39.52
C SER B 113 31.04 25.28 -38.36
N PHE B 114 31.14 26.52 -37.90
CA PHE B 114 32.04 26.84 -36.82
C PHE B 114 31.36 26.49 -35.49
N GLY B 115 31.30 25.20 -35.18
CA GLY B 115 30.62 24.77 -33.97
C GLY B 115 29.19 24.48 -34.36
N MET B 116 28.26 24.60 -33.41
CA MET B 116 26.85 24.33 -33.72
C MET B 116 25.84 24.90 -32.73
N ALA B 117 24.65 25.21 -33.23
CA ALA B 117 23.56 25.74 -32.42
C ALA B 117 23.00 24.55 -31.66
N LEU B 118 22.53 24.76 -30.44
CA LEU B 118 22.05 23.65 -29.64
C LEU B 118 20.56 23.53 -29.34
N SER B 119 20.14 22.30 -29.08
CA SER B 119 18.77 22.01 -28.71
C SER B 119 18.82 21.82 -27.19
N PRO B 120 17.66 21.79 -26.52
CA PRO B 120 17.71 21.60 -25.07
C PRO B 120 18.49 20.34 -24.69
N ARG B 121 18.30 19.27 -25.48
CA ARG B 121 18.97 18.00 -25.21
C ARG B 121 20.48 18.06 -25.39
N GLU B 122 20.95 18.75 -26.42
CA GLU B 122 22.40 18.85 -26.63
C GLU B 122 23.10 19.66 -25.53
N LEU B 123 22.46 20.73 -25.06
CA LEU B 123 23.05 21.57 -24.01
C LEU B 123 22.90 20.86 -22.69
N GLY B 124 21.91 19.97 -22.63
CA GLY B 124 21.67 19.20 -21.42
C GLY B 124 20.70 19.85 -20.45
N VAL B 125 19.80 20.70 -20.92
CA VAL B 125 18.86 21.34 -20.01
C VAL B 125 17.46 20.73 -20.08
N GLY B 126 17.19 19.99 -21.15
CA GLY B 126 15.90 19.36 -21.30
C GLY B 126 16.00 18.17 -22.24
N GLU B 127 14.97 17.32 -22.24
CA GLU B 127 14.98 16.13 -23.08
C GLU B 127 14.66 16.45 -24.54
N TYR B 128 14.09 17.62 -24.79
CA TYR B 128 13.72 18.00 -26.14
C TYR B 128 14.91 18.21 -27.06
N GLY B 129 14.90 17.49 -28.18
CA GLY B 129 15.98 17.58 -29.13
C GLY B 129 15.53 17.88 -30.54
N GLY B 130 14.26 18.23 -30.73
CA GLY B 130 13.77 18.49 -32.07
C GLY B 130 13.84 19.91 -32.59
N GLY B 131 14.59 20.76 -31.90
CA GLY B 131 14.71 22.15 -32.33
C GLY B 131 15.73 22.87 -31.48
N LEU B 132 16.13 24.06 -31.93
CA LEU B 132 17.11 24.85 -31.19
C LEU B 132 16.49 25.54 -29.98
N LEU B 133 17.33 25.87 -29.00
CA LEU B 133 16.84 26.63 -27.86
C LEU B 133 16.59 28.00 -28.55
N GLU B 134 15.50 28.67 -28.18
CA GLU B 134 15.18 29.99 -28.72
C GLU B 134 15.28 31.00 -27.60
N PHE B 135 16.16 31.98 -27.75
CA PHE B 135 16.31 32.99 -26.72
C PHE B 135 15.92 34.34 -27.26
N PRO B 136 15.73 35.33 -26.38
CA PRO B 136 15.38 36.64 -26.90
C PRO B 136 16.64 37.06 -27.65
N GLU B 137 16.49 37.72 -28.78
CA GLU B 137 17.63 38.14 -29.57
C GLU B 137 18.62 39.06 -28.84
N ASP B 138 18.15 39.69 -27.76
CA ASP B 138 18.98 40.61 -26.99
C ASP B 138 19.29 40.12 -25.58
N ALA B 139 18.96 38.87 -25.30
CA ALA B 139 19.19 38.32 -23.97
C ALA B 139 20.57 38.67 -23.42
N LEU B 140 21.59 38.58 -24.25
CA LEU B 140 22.95 38.87 -23.80
C LEU B 140 23.79 39.55 -24.86
N PRO B 141 24.94 40.11 -24.47
CA PRO B 141 25.83 40.75 -25.44
C PRO B 141 26.36 39.59 -26.26
N PRO B 142 26.30 39.66 -27.59
CA PRO B 142 26.81 38.55 -28.42
C PRO B 142 28.16 38.00 -27.99
N GLY B 143 28.25 36.68 -27.90
CA GLY B 143 29.50 36.05 -27.51
C GLY B 143 29.72 35.82 -26.03
N THR B 144 28.85 36.32 -25.17
CA THR B 144 29.09 36.09 -23.75
C THR B 144 28.79 34.63 -23.40
N PRO B 145 29.62 34.02 -22.54
CA PRO B 145 29.40 32.62 -22.13
C PRO B 145 28.00 32.49 -21.55
N LEU B 146 27.23 31.52 -22.01
CA LEU B 146 25.85 31.34 -21.54
C LEU B 146 25.82 31.16 -20.03
N SER B 147 26.85 30.52 -19.47
CA SER B 147 26.97 30.29 -18.02
C SER B 147 26.58 31.54 -17.25
N GLU B 148 27.15 32.66 -17.67
CA GLU B 148 26.93 33.93 -17.02
C GLU B 148 25.48 34.39 -16.88
N ALA B 149 24.54 33.71 -17.52
CA ALA B 149 23.14 34.09 -17.42
C ALA B 149 22.33 32.84 -17.16
N TRP B 150 23.01 31.70 -17.10
CA TRP B 150 22.36 30.42 -16.87
C TRP B 150 23.26 29.57 -15.96
N PRO B 151 23.28 29.90 -14.65
CA PRO B 151 24.09 29.20 -13.65
C PRO B 151 23.50 27.84 -13.36
N GLU B 152 24.31 26.92 -12.84
CA GLU B 152 23.80 25.58 -12.52
C GLU B 152 22.72 25.74 -11.44
N GLU B 153 21.83 24.76 -11.36
CA GLU B 153 20.73 24.82 -10.42
C GLU B 153 20.66 23.52 -9.64
N VAL B 154 20.10 23.58 -8.44
CA VAL B 154 19.93 22.36 -7.64
C VAL B 154 18.43 22.16 -7.54
N VAL B 155 17.95 20.99 -7.95
CA VAL B 155 16.53 20.70 -7.94
C VAL B 155 16.15 19.59 -6.97
N LEU B 156 15.15 19.84 -6.14
CA LEU B 156 14.69 18.82 -5.19
C LEU B 156 13.45 18.10 -5.73
N ASP B 157 13.45 16.77 -5.66
CA ASP B 157 12.31 15.97 -6.12
C ASP B 157 11.43 15.84 -4.88
N LEU B 158 10.42 16.69 -4.79
CA LEU B 158 9.55 16.71 -3.62
C LEU B 158 8.26 15.90 -3.70
N GLU B 159 7.96 15.22 -2.60
CA GLU B 159 6.73 14.45 -2.49
C GLU B 159 5.71 15.43 -1.91
N VAL B 160 4.57 15.55 -2.58
CA VAL B 160 3.51 16.45 -2.13
C VAL B 160 2.24 15.64 -1.93
N THR B 161 1.98 15.27 -0.68
CA THR B 161 0.80 14.47 -0.34
C THR B 161 -0.52 15.16 -0.72
N PRO B 162 -1.56 14.35 -1.02
CA PRO B 162 -2.91 14.77 -1.43
C PRO B 162 -3.59 15.83 -0.57
N ASN B 163 -3.18 15.92 0.70
CA ASN B 163 -3.77 16.90 1.62
C ASN B 163 -3.20 18.29 1.43
N ARG B 164 -2.05 18.41 0.77
CA ARG B 164 -1.44 19.71 0.57
C ARG B 164 -1.41 20.19 -0.87
N PRO B 165 -2.58 20.28 -1.53
CA PRO B 165 -2.58 20.75 -2.92
C PRO B 165 -2.03 22.17 -3.08
N ASP B 166 -2.09 22.96 -2.01
CA ASP B 166 -1.58 24.33 -2.07
C ASP B 166 -0.05 24.25 -2.25
N ALA B 167 0.52 23.10 -1.88
CA ALA B 167 1.97 22.88 -2.01
C ALA B 167 2.36 22.51 -3.43
N LEU B 168 1.38 22.43 -4.33
CA LEU B 168 1.68 22.10 -5.72
C LEU B 168 2.02 23.42 -6.41
N GLY B 169 2.32 24.43 -5.59
CA GLY B 169 2.69 25.74 -6.09
C GLY B 169 3.88 26.16 -5.27
N LEU B 170 4.95 26.60 -5.92
CA LEU B 170 6.15 27.03 -5.22
C LEU B 170 5.89 28.08 -4.14
N LEU B 171 4.92 28.95 -4.36
CA LEU B 171 4.57 29.98 -3.37
C LEU B 171 3.86 29.33 -2.18
N GLY B 172 3.16 28.22 -2.43
CA GLY B 172 2.47 27.51 -1.37
C GLY B 172 3.53 26.98 -0.43
N LEU B 173 4.59 26.42 -1.01
CA LEU B 173 5.70 25.88 -0.24
C LEU B 173 6.40 27.01 0.52
N ALA B 174 6.54 28.15 -0.15
CA ALA B 174 7.17 29.33 0.45
C ALA B 174 6.48 29.75 1.74
N ARG B 175 5.17 29.70 1.73
CA ARG B 175 4.39 30.08 2.90
C ARG B 175 4.66 29.16 4.07
N ASP B 176 4.84 27.86 3.80
CA ASP B 176 5.13 26.92 4.89
C ASP B 176 6.48 27.30 5.51
N LEU B 177 7.46 27.59 4.67
CA LEU B 177 8.78 27.97 5.14
C LEU B 177 8.66 29.28 5.93
N HIS B 178 7.75 30.13 5.48
CA HIS B 178 7.51 31.39 6.15
C HIS B 178 7.04 31.13 7.58
N ALA B 179 6.06 30.25 7.75
CA ALA B 179 5.54 29.92 9.07
C ALA B 179 6.67 29.51 10.03
N LEU B 180 7.73 28.94 9.47
CA LEU B 180 8.90 28.51 10.23
C LEU B 180 9.72 29.72 10.69
N GLY B 181 9.50 30.86 10.06
CA GLY B 181 10.23 32.05 10.45
C GLY B 181 10.93 32.76 9.30
N TYR B 182 10.98 32.13 8.12
CA TYR B 182 11.64 32.75 6.98
C TYR B 182 10.85 33.93 6.44
N ALA B 183 11.55 34.93 5.94
CA ALA B 183 10.89 36.08 5.37
C ALA B 183 10.24 35.62 4.06
N LEU B 184 9.07 36.19 3.74
CA LEU B 184 8.34 35.83 2.53
C LEU B 184 8.26 36.98 1.53
N VAL B 185 8.59 36.71 0.26
CA VAL B 185 8.49 37.74 -0.76
C VAL B 185 7.45 37.31 -1.78
N GLU B 186 6.27 37.90 -1.75
CA GLU B 186 5.23 37.59 -2.71
C GLU B 186 5.40 38.47 -3.91
N PRO B 187 5.27 37.91 -5.11
CA PRO B 187 5.43 38.72 -6.31
C PRO B 187 4.34 39.75 -6.46
N GLU B 188 4.72 41.01 -6.64
CA GLU B 188 3.73 42.06 -6.82
C GLU B 188 3.36 42.06 -8.30
N ALA B 189 2.07 41.98 -8.58
CA ALA B 189 1.62 41.97 -9.96
C ALA B 189 1.27 43.40 -10.34
N ALA B 190 2.27 44.12 -10.85
CA ALA B 190 2.07 45.50 -11.27
C ALA B 190 1.36 45.51 -12.62
N LEU B 191 0.11 45.91 -12.60
CA LEU B 191 -0.67 45.95 -13.83
C LEU B 191 -1.10 47.36 -14.18
N LYS B 192 -1.02 47.71 -15.45
CA LYS B 192 -1.44 49.01 -15.96
C LYS B 192 -2.59 48.68 -16.90
N ALA B 193 -3.77 48.41 -16.34
CA ALA B 193 -4.93 48.06 -17.14
C ALA B 193 -5.68 49.26 -17.68
N GLU B 194 -6.51 49.02 -18.67
CA GLU B 194 -7.32 50.08 -19.25
C GLU B 194 -8.77 49.62 -19.27
N ALA B 195 -9.67 50.55 -18.99
CA ALA B 195 -11.09 50.22 -18.97
C ALA B 195 -11.66 50.24 -20.37
N LEU B 196 -12.12 49.08 -20.82
CA LEU B 196 -12.72 48.95 -22.14
C LEU B 196 -13.42 47.60 -22.18
N PRO B 197 -14.41 47.44 -23.06
CA PRO B 197 -15.11 46.15 -23.13
C PRO B 197 -14.32 44.98 -23.67
N LEU B 198 -14.59 43.79 -23.12
CA LEU B 198 -13.92 42.58 -23.58
C LEU B 198 -14.66 42.19 -24.85
N PRO B 199 -13.93 42.00 -25.95
CA PRO B 199 -14.54 41.64 -27.23
C PRO B 199 -15.06 40.22 -27.32
N PHE B 200 -15.62 39.70 -26.22
CA PHE B 200 -16.16 38.35 -26.22
C PHE B 200 -16.98 38.15 -24.94
N ALA B 201 -17.82 37.12 -24.93
CA ALA B 201 -18.67 36.84 -23.78
C ALA B 201 -18.35 35.49 -23.16
N LEU B 202 -18.80 35.31 -21.92
CA LEU B 202 -18.61 34.06 -21.17
C LEU B 202 -19.97 33.46 -20.85
N LYS B 203 -20.12 32.17 -21.09
CA LYS B 203 -21.38 31.51 -20.84
C LYS B 203 -21.09 30.17 -20.18
N VAL B 204 -21.19 30.11 -18.86
CA VAL B 204 -20.94 28.86 -18.15
C VAL B 204 -22.21 28.02 -18.09
N GLU B 205 -22.32 27.08 -19.02
CA GLU B 205 -23.48 26.21 -19.11
C GLU B 205 -23.48 25.06 -18.09
N ASP B 206 -22.34 24.85 -17.43
CA ASP B 206 -22.28 23.77 -16.45
C ASP B 206 -21.54 24.20 -15.19
N PRO B 207 -22.22 24.98 -14.32
CA PRO B 207 -21.63 25.45 -13.07
C PRO B 207 -21.22 24.34 -12.09
N GLU B 208 -21.77 23.14 -12.27
CA GLU B 208 -21.40 22.03 -11.40
C GLU B 208 -19.91 21.79 -11.64
N GLY B 209 -19.54 21.60 -12.91
CA GLY B 209 -18.16 21.35 -13.27
C GLY B 209 -17.20 22.52 -13.22
N ALA B 210 -17.72 23.72 -13.34
CA ALA B 210 -16.90 24.93 -13.31
C ALA B 210 -17.50 25.89 -12.30
N PRO B 211 -17.35 25.58 -11.00
CA PRO B 211 -17.86 26.37 -9.88
C PRO B 211 -17.39 27.83 -9.84
N HIS B 212 -16.21 28.11 -10.37
CA HIS B 212 -15.70 29.48 -10.40
C HIS B 212 -14.86 29.56 -11.65
N PHE B 213 -15.23 30.46 -12.56
CA PHE B 213 -14.54 30.57 -13.83
C PHE B 213 -14.31 32.03 -14.26
N THR B 214 -13.06 32.39 -14.54
CA THR B 214 -12.79 33.76 -14.95
C THR B 214 -12.06 33.85 -16.28
N LEU B 215 -12.23 34.96 -16.98
CA LEU B 215 -11.54 35.17 -18.24
C LEU B 215 -10.86 36.54 -18.26
N GLY B 216 -9.58 36.54 -18.58
CA GLY B 216 -8.82 37.77 -18.67
C GLY B 216 -8.72 38.13 -20.13
N TYR B 217 -8.46 39.41 -20.41
CA TYR B 217 -8.33 39.87 -21.79
C TYR B 217 -7.06 40.66 -21.97
N ALA B 218 -6.16 40.13 -22.79
CA ALA B 218 -4.89 40.76 -23.10
C ALA B 218 -4.75 40.82 -24.62
N PHE B 219 -4.38 42.00 -25.13
CA PHE B 219 -4.24 42.19 -26.58
C PHE B 219 -2.98 42.98 -26.88
N GLY B 220 -2.69 43.18 -28.16
CA GLY B 220 -1.50 43.89 -28.54
C GLY B 220 -0.27 43.10 -28.11
N LEU B 221 -0.43 41.78 -28.08
CA LEU B 221 0.65 40.88 -27.69
C LEU B 221 1.79 40.81 -28.70
N ARG B 222 2.99 40.63 -28.19
CA ARG B 222 4.19 40.51 -29.01
C ARG B 222 4.87 39.19 -28.62
N VAL B 223 4.30 38.08 -29.10
CA VAL B 223 4.82 36.74 -28.82
C VAL B 223 6.27 36.57 -29.27
N ALA B 224 7.11 36.09 -28.35
CA ALA B 224 8.52 35.87 -28.58
C ALA B 224 9.05 34.96 -27.49
N PRO B 225 10.34 34.63 -27.52
CA PRO B 225 10.92 33.74 -26.50
C PRO B 225 10.91 34.36 -25.10
N SER B 226 10.81 33.51 -24.08
CA SER B 226 10.81 33.98 -22.70
C SER B 226 12.21 34.38 -22.28
N PRO B 227 12.32 35.27 -21.29
CA PRO B 227 13.63 35.73 -20.80
C PRO B 227 14.42 34.49 -20.35
N LEU B 228 15.74 34.59 -20.32
CA LEU B 228 16.55 33.44 -19.90
C LEU B 228 16.18 32.93 -18.51
N TRP B 229 15.93 33.84 -17.57
CA TRP B 229 15.58 33.43 -16.23
C TRP B 229 14.32 32.56 -16.21
N MET B 230 13.38 32.82 -17.12
CA MET B 230 12.18 32.02 -17.13
C MET B 230 12.40 30.65 -17.76
N GLN B 231 13.16 30.61 -18.85
CA GLN B 231 13.42 29.33 -19.50
C GLN B 231 14.21 28.48 -18.51
N ARG B 232 15.17 29.09 -17.82
CA ARG B 232 15.95 28.36 -16.83
C ARG B 232 15.00 27.79 -15.76
N ALA B 233 14.12 28.64 -15.25
CA ALA B 233 13.18 28.21 -14.23
C ALA B 233 12.29 27.07 -14.73
N LEU B 234 11.69 27.24 -15.90
CA LEU B 234 10.81 26.22 -16.45
C LEU B 234 11.52 24.90 -16.71
N PHE B 235 12.71 24.95 -17.29
CA PHE B 235 13.46 23.72 -17.55
C PHE B 235 13.79 23.00 -16.25
N ALA B 236 14.23 23.74 -15.25
CA ALA B 236 14.54 23.12 -13.96
C ALA B 236 13.30 22.39 -13.42
N ALA B 237 12.12 22.95 -13.66
CA ALA B 237 10.89 22.35 -13.16
C ALA B 237 10.35 21.23 -14.03
N GLY B 238 11.11 20.83 -15.03
CA GLY B 238 10.66 19.75 -15.89
C GLY B 238 9.76 20.16 -17.04
N MET B 239 9.61 21.45 -17.29
CA MET B 239 8.78 21.89 -18.39
C MET B 239 9.59 22.55 -19.49
N ARG B 240 9.09 22.51 -20.71
CA ARG B 240 9.80 23.09 -21.85
C ARG B 240 9.25 24.44 -22.31
N PRO B 241 10.07 25.50 -22.24
CA PRO B 241 9.56 26.80 -22.67
C PRO B 241 9.11 26.77 -24.14
N ILE B 242 8.06 27.52 -24.45
CA ILE B 242 7.51 27.57 -25.80
C ILE B 242 7.57 29.01 -26.32
N ASN B 243 7.08 29.94 -25.51
CA ASN B 243 7.11 31.36 -25.83
C ASN B 243 6.55 32.20 -24.68
N ASN B 244 6.65 33.52 -24.82
CA ASN B 244 6.12 34.49 -23.88
C ASN B 244 4.90 34.02 -23.06
N VAL B 245 3.77 34.09 -23.74
CA VAL B 245 2.47 33.79 -23.21
C VAL B 245 2.35 32.39 -22.61
N VAL B 246 2.69 31.38 -23.40
CA VAL B 246 2.58 30.02 -22.92
C VAL B 246 3.43 29.80 -21.68
N ASP B 247 4.66 30.30 -21.70
CA ASP B 247 5.56 30.12 -20.55
C ASP B 247 4.99 30.79 -19.32
N VAL B 248 4.50 32.01 -19.47
CA VAL B 248 3.92 32.75 -18.35
C VAL B 248 2.81 31.93 -17.69
N THR B 249 1.95 31.30 -18.49
CA THR B 249 0.88 30.52 -17.89
C THR B 249 1.45 29.31 -17.17
N ASN B 250 2.50 28.69 -17.70
CA ASN B 250 3.07 27.54 -17.01
C ASN B 250 3.80 27.96 -15.73
N TYR B 251 4.49 29.09 -15.81
CA TYR B 251 5.25 29.62 -14.69
C TYR B 251 4.31 29.92 -13.51
N VAL B 252 3.21 30.60 -13.79
CA VAL B 252 2.24 30.94 -12.75
C VAL B 252 1.58 29.69 -12.17
N MET B 253 1.30 28.72 -13.04
CA MET B 253 0.69 27.48 -12.59
C MET B 253 1.61 26.86 -11.55
N LEU B 254 2.90 26.78 -11.88
CA LEU B 254 3.88 26.19 -10.97
C LEU B 254 4.13 27.04 -9.74
N GLU B 255 3.85 28.33 -9.84
CA GLU B 255 4.08 29.20 -8.71
C GLU B 255 2.97 29.13 -7.67
N ARG B 256 1.74 29.03 -8.12
CA ARG B 256 0.64 29.04 -7.19
C ARG B 256 -0.46 28.01 -7.40
N ALA B 257 -0.06 26.80 -7.78
CA ALA B 257 -1.00 25.70 -7.99
C ALA B 257 -2.31 26.16 -8.63
N GLN B 258 -2.20 26.78 -9.79
CA GLN B 258 -3.34 27.32 -10.50
C GLN B 258 -3.16 27.18 -12.01
N PRO B 259 -3.58 26.04 -12.57
CA PRO B 259 -3.46 25.81 -14.02
C PRO B 259 -4.25 26.91 -14.74
N MET B 260 -3.72 27.40 -15.85
CA MET B 260 -4.39 28.43 -16.64
C MET B 260 -3.98 28.24 -18.08
N HIS B 261 -4.80 28.73 -19.01
CA HIS B 261 -4.50 28.56 -20.42
C HIS B 261 -4.89 29.77 -21.21
N ALA B 262 -4.00 30.17 -22.12
CA ALA B 262 -4.27 31.32 -22.97
C ALA B 262 -4.85 30.83 -24.31
N PHE B 263 -6.07 31.27 -24.62
CA PHE B 263 -6.70 30.89 -25.88
C PHE B 263 -6.52 32.04 -26.87
N ASP B 264 -6.07 31.74 -28.09
CA ASP B 264 -5.92 32.77 -29.09
C ASP B 264 -7.34 33.20 -29.49
N LEU B 265 -7.68 34.48 -29.29
CA LEU B 265 -9.03 34.96 -29.61
C LEU B 265 -9.51 34.68 -31.04
N ARG B 266 -8.59 34.56 -32.00
CA ARG B 266 -8.93 34.30 -33.39
C ARG B 266 -9.91 33.14 -33.52
N PHE B 267 -9.82 32.19 -32.59
CA PHE B 267 -10.65 30.99 -32.63
C PHE B 267 -11.79 30.97 -31.65
N VAL B 268 -11.85 31.98 -30.79
CA VAL B 268 -12.89 32.03 -29.77
C VAL B 268 -14.28 32.34 -30.32
N GLY B 269 -14.32 33.22 -31.31
CA GLY B 269 -15.59 33.59 -31.87
C GLY B 269 -16.24 34.62 -30.97
N GLU B 270 -17.53 34.43 -30.70
CA GLU B 270 -18.27 35.37 -29.87
C GLU B 270 -17.97 35.23 -28.38
N GLY B 271 -17.72 34.00 -27.93
CA GLY B 271 -17.43 33.81 -26.53
C GLY B 271 -17.00 32.42 -26.14
N ILE B 272 -16.61 32.28 -24.88
CA ILE B 272 -16.19 31.00 -24.35
C ILE B 272 -17.42 30.40 -23.70
N ALA B 273 -17.59 29.10 -23.87
CA ALA B 273 -18.71 28.38 -23.28
C ALA B 273 -18.17 27.16 -22.51
N VAL B 274 -18.25 27.21 -21.18
CA VAL B 274 -17.81 26.09 -20.38
C VAL B 274 -19.02 25.16 -20.33
N ARG B 275 -18.97 24.08 -21.10
CA ARG B 275 -20.09 23.16 -21.19
C ARG B 275 -19.63 21.71 -21.28
N ARG B 276 -20.61 20.82 -21.22
CA ARG B 276 -20.31 19.40 -21.33
C ARG B 276 -20.14 19.16 -22.83
N ALA B 277 -19.37 18.15 -23.20
CA ALA B 277 -19.16 17.84 -24.61
C ALA B 277 -20.31 17.01 -25.17
N ARG B 278 -20.72 17.32 -26.40
CA ARG B 278 -21.80 16.57 -27.05
C ARG B 278 -21.16 15.32 -27.61
N GLU B 279 -21.82 14.18 -27.45
CA GLU B 279 -21.27 12.91 -27.93
C GLU B 279 -20.75 12.97 -29.37
N GLY B 280 -19.60 12.34 -29.57
CA GLY B 280 -18.98 12.33 -30.89
C GLY B 280 -18.03 13.49 -31.10
N GLU B 281 -18.40 14.65 -30.56
CA GLU B 281 -17.61 15.88 -30.68
C GLU B 281 -16.10 15.57 -30.58
N ARG B 282 -15.37 15.98 -31.61
CA ARG B 282 -13.93 15.74 -31.67
C ARG B 282 -13.11 16.93 -31.17
N LEU B 283 -11.85 16.67 -30.81
CA LEU B 283 -10.95 17.70 -30.32
C LEU B 283 -9.51 17.25 -30.52
N LYS B 284 -8.72 18.05 -31.21
CA LYS B 284 -7.32 17.72 -31.40
C LYS B 284 -6.60 18.45 -30.27
N THR B 285 -6.21 17.71 -29.24
CA THR B 285 -5.54 18.34 -28.11
C THR B 285 -4.13 18.78 -28.43
N LEU B 286 -3.58 19.59 -27.54
CA LEU B 286 -2.24 20.14 -27.64
C LEU B 286 -1.13 19.16 -27.98
N ASP B 287 -1.27 17.91 -27.52
CA ASP B 287 -0.25 16.91 -27.78
C ASP B 287 -0.29 16.44 -29.23
N GLY B 288 -1.16 17.05 -30.03
CA GLY B 288 -1.26 16.68 -31.43
C GLY B 288 -2.12 15.45 -31.64
N VAL B 289 -2.66 14.92 -30.55
CA VAL B 289 -3.52 13.73 -30.57
C VAL B 289 -4.96 14.07 -30.92
N GLU B 290 -5.50 13.40 -31.92
CA GLU B 290 -6.89 13.62 -32.32
C GLU B 290 -7.76 12.78 -31.38
N ARG B 291 -8.67 13.42 -30.66
CA ARG B 291 -9.52 12.70 -29.70
C ARG B 291 -11.02 12.81 -29.98
N THR B 292 -11.78 11.96 -29.29
CA THR B 292 -13.24 11.95 -29.41
C THR B 292 -13.77 12.09 -28.00
N LEU B 293 -14.51 13.17 -27.76
CA LEU B 293 -15.04 13.44 -26.42
C LEU B 293 -16.25 12.64 -25.97
N HIS B 294 -16.37 12.53 -24.66
CA HIS B 294 -17.45 11.81 -24.00
C HIS B 294 -18.39 12.84 -23.36
N PRO B 295 -19.71 12.61 -23.41
CA PRO B 295 -20.69 13.55 -22.84
C PRO B 295 -20.45 13.96 -21.39
N GLU B 296 -19.53 13.31 -20.71
CA GLU B 296 -19.24 13.65 -19.33
C GLU B 296 -18.02 14.55 -19.21
N ASP B 297 -17.33 14.75 -20.33
CA ASP B 297 -16.14 15.60 -20.37
C ASP B 297 -16.48 17.09 -20.33
N LEU B 298 -15.94 17.81 -19.36
CA LEU B 298 -16.19 19.25 -19.30
C LEU B 298 -15.34 19.83 -20.41
N VAL B 299 -15.91 20.73 -21.18
CA VAL B 299 -15.20 21.33 -22.31
C VAL B 299 -15.19 22.85 -22.30
N ILE B 300 -14.11 23.44 -22.79
CA ILE B 300 -14.04 24.90 -22.92
C ILE B 300 -14.30 25.07 -24.39
N ALA B 301 -15.42 25.68 -24.75
CA ALA B 301 -15.74 25.82 -26.15
C ALA B 301 -15.98 27.24 -26.57
N GLY B 302 -16.08 27.44 -27.88
CA GLY B 302 -16.35 28.75 -28.40
C GLY B 302 -17.58 28.61 -29.27
N TRP B 303 -18.16 29.72 -29.69
CA TRP B 303 -19.31 29.66 -30.55
C TRP B 303 -19.29 30.85 -31.48
N ARG B 304 -19.75 30.62 -32.71
CA ARG B 304 -19.79 31.64 -33.73
C ARG B 304 -21.13 31.45 -34.43
N GLY B 305 -22.01 32.43 -34.27
CA GLY B 305 -23.32 32.32 -34.87
C GLY B 305 -24.06 31.17 -34.24
N GLU B 306 -24.51 30.22 -35.05
CA GLU B 306 -25.25 29.05 -34.55
C GLU B 306 -24.35 27.82 -34.44
N GLU B 307 -23.06 28.03 -34.21
CA GLU B 307 -22.16 26.91 -34.10
C GLU B 307 -21.31 26.94 -32.85
N SER B 308 -21.21 25.78 -32.20
CA SER B 308 -20.42 25.63 -30.99
C SER B 308 -19.36 24.60 -31.31
N PHE B 309 -18.14 24.87 -30.89
CA PHE B 309 -17.01 23.99 -31.15
C PHE B 309 -16.09 23.98 -29.93
N PRO B 310 -15.45 22.83 -29.66
CA PRO B 310 -14.54 22.65 -28.53
C PRO B 310 -13.20 23.38 -28.75
N LEU B 311 -12.66 23.92 -27.68
CA LEU B 311 -11.37 24.61 -27.76
C LEU B 311 -10.34 23.92 -26.88
N GLY B 312 -10.80 23.29 -25.80
CA GLY B 312 -9.89 22.58 -24.93
C GLY B 312 -10.59 21.64 -23.98
N LEU B 313 -9.88 20.59 -23.57
CA LEU B 313 -10.42 19.63 -22.61
C LEU B 313 -10.20 20.32 -21.26
N ALA B 314 -11.26 20.92 -20.73
CA ALA B 314 -11.20 21.66 -19.49
C ALA B 314 -10.40 21.04 -18.33
N GLY B 315 -9.50 21.83 -17.77
CA GLY B 315 -8.67 21.39 -16.65
C GLY B 315 -7.73 20.23 -16.89
N VAL B 316 -7.55 19.84 -18.15
CA VAL B 316 -6.66 18.73 -18.48
C VAL B 316 -5.66 19.15 -19.55
N MET B 317 -6.14 19.64 -20.68
CA MET B 317 -5.24 20.03 -21.76
C MET B 317 -5.92 20.90 -22.80
N GLY B 318 -5.27 22.00 -23.18
CA GLY B 318 -5.84 22.89 -24.16
C GLY B 318 -5.84 22.30 -25.55
N GLY B 319 -6.64 22.88 -26.44
CA GLY B 319 -6.72 22.39 -27.81
C GLY B 319 -5.50 22.83 -28.61
N ALA B 320 -5.16 22.07 -29.63
CA ALA B 320 -4.00 22.37 -30.47
C ALA B 320 -4.21 23.59 -31.34
N GLU B 321 -5.42 23.77 -31.83
CA GLU B 321 -5.74 24.87 -32.72
C GLU B 321 -5.61 26.28 -32.16
N SER B 322 -6.14 26.51 -30.96
CA SER B 322 -6.08 27.83 -30.35
C SER B 322 -4.82 28.10 -29.53
N GLU B 323 -3.86 27.19 -29.60
CA GLU B 323 -2.57 27.33 -28.91
C GLU B 323 -2.01 28.72 -29.31
N VAL B 324 -1.43 29.43 -28.36
CA VAL B 324 -0.86 30.75 -28.65
C VAL B 324 0.47 30.64 -29.37
N ARG B 325 0.55 31.26 -30.54
CA ARG B 325 1.77 31.24 -31.34
C ARG B 325 2.26 32.66 -31.67
N GLU B 326 3.35 32.73 -32.43
CA GLU B 326 3.99 34.00 -32.79
C GLU B 326 3.09 35.04 -33.43
N ASP B 327 2.13 34.62 -34.24
CA ASP B 327 1.23 35.59 -34.87
C ASP B 327 0.02 36.00 -34.03
N THR B 328 -0.15 35.39 -32.87
CA THR B 328 -1.25 35.69 -31.97
C THR B 328 -1.11 37.13 -31.47
N GLU B 329 -2.21 37.86 -31.39
CA GLU B 329 -2.14 39.24 -30.91
C GLU B 329 -2.99 39.46 -29.67
N ALA B 330 -4.01 38.64 -29.51
CA ALA B 330 -4.89 38.79 -28.36
C ALA B 330 -5.37 37.43 -27.85
N ILE B 331 -5.62 37.36 -26.55
CA ILE B 331 -6.07 36.12 -25.93
C ILE B 331 -7.16 36.32 -24.90
N ALA B 332 -7.83 35.22 -24.59
CA ALA B 332 -8.82 35.19 -23.54
C ALA B 332 -8.06 34.26 -22.56
N LEU B 333 -7.84 34.71 -21.34
CA LEU B 333 -7.10 33.92 -20.36
C LEU B 333 -8.04 33.11 -19.45
N GLU B 334 -7.83 31.81 -19.40
CA GLU B 334 -8.66 30.97 -18.56
C GLU B 334 -7.98 30.68 -17.23
N VAL B 335 -8.65 31.09 -16.15
CA VAL B 335 -8.19 30.83 -14.79
C VAL B 335 -9.45 30.39 -14.07
N ALA B 336 -9.50 29.10 -13.73
CA ALA B 336 -10.69 28.55 -13.09
C ALA B 336 -10.46 27.54 -11.99
N CYS B 337 -11.57 27.10 -11.40
CA CYS B 337 -11.61 26.08 -10.38
C CYS B 337 -12.61 25.08 -10.96
N PHE B 338 -12.17 23.85 -11.21
CA PHE B 338 -13.05 22.83 -11.77
C PHE B 338 -13.39 21.78 -10.74
N ASP B 339 -14.47 21.05 -10.99
CA ASP B 339 -14.90 19.98 -10.12
C ASP B 339 -13.86 18.86 -10.19
N PRO B 340 -13.19 18.56 -9.06
CA PRO B 340 -12.16 17.52 -8.98
C PRO B 340 -12.53 16.15 -9.55
N VAL B 341 -13.74 15.68 -9.25
CA VAL B 341 -14.17 14.36 -9.71
C VAL B 341 -14.33 14.29 -11.23
N SER B 342 -14.83 15.39 -11.78
CA SER B 342 -15.03 15.48 -13.21
C SER B 342 -13.68 15.40 -13.92
N ILE B 343 -12.72 16.17 -13.42
CA ILE B 343 -11.38 16.19 -14.01
C ILE B 343 -10.78 14.81 -13.87
N ARG B 344 -11.02 14.18 -12.72
CA ARG B 344 -10.51 12.83 -12.44
C ARG B 344 -10.98 11.84 -13.51
N LYS B 345 -12.29 11.75 -13.72
CA LYS B 345 -12.86 10.82 -14.69
C LYS B 345 -12.44 11.13 -16.11
N THR B 346 -12.48 12.40 -16.50
CA THR B 346 -12.08 12.76 -17.85
C THR B 346 -10.62 12.35 -18.08
N ALA B 347 -9.76 12.71 -17.14
CA ALA B 347 -8.34 12.39 -17.24
C ALA B 347 -8.13 10.89 -17.50
N ARG B 348 -8.73 10.05 -16.65
CA ARG B 348 -8.61 8.60 -16.83
C ARG B 348 -9.19 8.21 -18.17
N ARG B 349 -10.45 8.58 -18.38
CA ARG B 349 -11.16 8.30 -19.61
C ARG B 349 -10.30 8.44 -20.86
N HIS B 350 -9.41 9.43 -20.89
CA HIS B 350 -8.55 9.63 -22.07
C HIS B 350 -7.08 9.28 -21.88
N GLY B 351 -6.74 8.68 -20.74
CA GLY B 351 -5.35 8.32 -20.51
C GLY B 351 -4.42 9.52 -20.45
N LEU B 352 -4.86 10.59 -19.79
CA LEU B 352 -4.07 11.79 -19.67
C LEU B 352 -3.77 12.10 -18.20
N ARG B 353 -2.55 12.52 -17.94
CA ARG B 353 -2.13 12.90 -16.60
C ARG B 353 -1.28 14.13 -16.87
N THR B 354 -1.82 15.32 -16.59
CA THR B 354 -1.06 16.53 -16.86
C THR B 354 -0.83 17.35 -15.60
N GLU B 355 0.05 18.35 -15.72
CA GLU B 355 0.33 19.24 -14.62
C GLU B 355 -0.99 19.86 -14.21
N ALA B 356 -1.85 20.11 -15.19
CA ALA B 356 -3.15 20.71 -14.93
C ALA B 356 -4.12 19.76 -14.23
N SER B 357 -4.41 18.62 -14.86
CA SER B 357 -5.34 17.66 -14.26
C SER B 357 -4.92 17.33 -12.83
N HIS B 358 -3.64 16.98 -12.67
CA HIS B 358 -3.12 16.64 -11.37
C HIS B 358 -3.52 17.67 -10.31
N ARG B 359 -3.34 18.95 -10.62
CA ARG B 359 -3.70 19.98 -9.66
C ARG B 359 -5.20 20.11 -9.44
N PHE B 360 -5.99 20.09 -10.50
CA PHE B 360 -7.44 20.19 -10.35
C PHE B 360 -8.02 18.99 -9.59
N GLU B 361 -7.43 17.81 -9.77
CA GLU B 361 -7.87 16.60 -9.09
C GLU B 361 -7.61 16.72 -7.60
N ARG B 362 -6.45 17.28 -7.23
CA ARG B 362 -6.09 17.45 -5.83
C ARG B 362 -6.77 18.67 -5.22
N GLY B 363 -7.29 19.55 -6.07
CA GLY B 363 -7.95 20.73 -5.55
C GLY B 363 -7.21 22.03 -5.74
N VAL B 364 -7.94 23.09 -6.06
CA VAL B 364 -7.37 24.40 -6.30
C VAL B 364 -7.99 25.43 -5.38
N ASP B 365 -7.24 26.47 -5.03
CA ASP B 365 -7.75 27.52 -4.17
C ASP B 365 -9.05 28.07 -4.80
N PRO B 366 -10.19 27.78 -4.17
CA PRO B 366 -11.52 28.22 -4.65
C PRO B 366 -11.66 29.70 -4.91
N LEU B 367 -10.78 30.50 -4.32
CA LEU B 367 -10.82 31.95 -4.49
C LEU B 367 -9.45 32.50 -4.88
N GLY B 368 -8.69 31.70 -5.64
CA GLY B 368 -7.37 32.15 -6.06
C GLY B 368 -7.34 32.67 -7.49
N GLN B 369 -8.40 32.40 -8.25
CA GLN B 369 -8.49 32.81 -9.65
C GLN B 369 -8.19 34.27 -9.95
N VAL B 370 -8.93 35.19 -9.32
CA VAL B 370 -8.69 36.60 -9.59
C VAL B 370 -7.26 37.04 -9.31
N PRO B 371 -6.70 36.66 -8.15
CA PRO B 371 -5.31 37.05 -7.85
C PRO B 371 -4.36 36.44 -8.90
N ALA B 372 -4.65 35.20 -9.33
CA ALA B 372 -3.84 34.51 -10.34
C ALA B 372 -3.93 35.23 -11.68
N GLN B 373 -5.10 35.78 -11.97
CA GLN B 373 -5.30 36.51 -13.22
C GLN B 373 -4.41 37.75 -13.26
N ARG B 374 -4.26 38.42 -12.12
CA ARG B 374 -3.44 39.61 -12.06
C ARG B 374 -1.96 39.27 -12.21
N ARG B 375 -1.52 38.20 -11.54
CA ARG B 375 -0.13 37.78 -11.62
C ARG B 375 0.24 37.54 -13.08
N ALA B 376 -0.56 36.71 -13.74
CA ALA B 376 -0.36 36.36 -15.14
C ALA B 376 -0.45 37.56 -16.09
N LEU B 377 -1.53 38.34 -15.99
CA LEU B 377 -1.70 39.48 -16.88
C LEU B 377 -0.57 40.48 -16.67
N SER B 378 -0.11 40.58 -15.43
CA SER B 378 0.99 41.47 -15.08
C SER B 378 2.26 41.00 -15.82
N LEU B 379 2.53 39.71 -15.74
CA LEU B 379 3.69 39.13 -16.40
C LEU B 379 3.55 39.25 -17.92
N LEU B 380 2.34 39.07 -18.44
CA LEU B 380 2.13 39.19 -19.87
C LEU B 380 2.46 40.62 -20.30
N GLN B 381 2.05 41.57 -19.48
CA GLN B 381 2.30 42.97 -19.78
C GLN B 381 3.80 43.24 -19.80
N ALA B 382 4.52 42.67 -18.84
CA ALA B 382 5.96 42.83 -18.73
C ALA B 382 6.79 42.08 -19.76
N LEU B 383 6.33 40.91 -20.21
CA LEU B 383 7.10 40.10 -21.17
C LEU B 383 6.57 40.01 -22.58
N ALA B 384 5.28 40.31 -22.76
CA ALA B 384 4.72 40.24 -24.10
C ALA B 384 4.19 41.62 -24.46
N GLY B 385 4.56 42.61 -23.64
CA GLY B 385 4.12 43.97 -23.86
C GLY B 385 2.63 44.01 -24.06
N ALA B 386 1.90 43.26 -23.26
CA ALA B 386 0.46 43.19 -23.39
C ALA B 386 -0.32 44.34 -22.79
N ARG B 387 -1.39 44.72 -23.49
CA ARG B 387 -2.29 45.74 -23.01
C ARG B 387 -3.38 44.87 -22.40
N VAL B 388 -3.78 45.21 -21.19
CA VAL B 388 -4.77 44.42 -20.48
C VAL B 388 -6.02 45.21 -20.07
N ALA B 389 -7.18 44.56 -20.21
CA ALA B 389 -8.44 45.19 -19.84
C ALA B 389 -8.58 45.18 -18.32
N GLU B 390 -9.28 46.17 -17.81
CA GLU B 390 -9.48 46.31 -16.37
C GLU B 390 -10.40 45.23 -15.82
N ALA B 391 -11.47 44.92 -16.54
CA ALA B 391 -12.42 43.93 -16.06
C ALA B 391 -12.13 42.49 -16.49
N LEU B 392 -12.73 41.56 -15.76
CA LEU B 392 -12.62 40.14 -16.03
C LEU B 392 -14.04 39.64 -16.26
N LEU B 393 -14.16 38.44 -16.81
CA LEU B 393 -15.47 37.84 -17.01
C LEU B 393 -15.44 36.79 -15.91
N GLU B 394 -16.37 36.89 -14.97
CA GLU B 394 -16.40 35.97 -13.85
C GLU B 394 -17.76 35.32 -13.67
N ALA B 395 -17.75 34.02 -13.39
CA ALA B 395 -18.96 33.26 -13.17
C ALA B 395 -18.73 32.40 -11.94
N GLY B 396 -19.62 32.51 -10.98
CA GLY B 396 -19.49 31.73 -9.75
C GLY B 396 -19.02 32.61 -8.61
N SER B 397 -19.52 32.34 -7.42
CA SER B 397 -19.14 33.13 -6.26
C SER B 397 -18.92 32.21 -5.07
N PRO B 398 -17.75 31.56 -5.00
CA PRO B 398 -17.46 30.65 -3.89
C PRO B 398 -17.47 31.40 -2.57
N LYS B 399 -17.85 30.70 -1.51
CA LYS B 399 -17.90 31.34 -0.20
C LYS B 399 -16.58 31.11 0.52
N PRO B 400 -16.13 32.11 1.31
CA PRO B 400 -14.88 31.98 2.06
C PRO B 400 -14.95 30.82 3.03
N PRO B 401 -13.82 30.43 3.63
CA PRO B 401 -13.90 29.32 4.57
C PRO B 401 -14.49 29.74 5.90
N GLU B 402 -15.07 28.79 6.63
CA GLU B 402 -15.67 29.08 7.93
C GLU B 402 -14.67 29.01 9.09
N ALA B 403 -15.05 29.61 10.21
CA ALA B 403 -14.21 29.63 11.40
C ALA B 403 -14.13 28.23 12.00
N ILE B 404 -12.96 27.93 12.55
CA ILE B 404 -12.74 26.65 13.21
C ILE B 404 -12.43 26.97 14.66
N PRO B 405 -13.14 26.33 15.60
CA PRO B 405 -12.86 26.60 17.02
C PRO B 405 -11.52 25.95 17.35
N PHE B 406 -10.67 26.69 18.05
CA PHE B 406 -9.35 26.20 18.42
C PHE B 406 -9.02 26.47 19.90
N ARG B 407 -8.50 25.45 20.58
CA ARG B 407 -8.13 25.59 21.99
C ARG B 407 -6.67 25.24 22.25
N PRO B 408 -5.82 26.26 22.49
CA PRO B 408 -4.41 26.01 22.76
C PRO B 408 -4.23 24.91 23.81
N GLU B 409 -5.13 24.86 24.78
CA GLU B 409 -5.07 23.85 25.82
C GLU B 409 -5.28 22.44 25.24
N TYR B 410 -6.20 22.31 24.30
CA TYR B 410 -6.44 21.02 23.65
C TYR B 410 -5.26 20.61 22.78
N ALA B 411 -4.73 21.55 22.02
CA ALA B 411 -3.59 21.26 21.16
C ALA B 411 -2.49 20.66 22.03
N ASN B 412 -2.17 21.34 23.14
CA ASN B 412 -1.13 20.85 24.05
C ASN B 412 -1.49 19.53 24.71
N ARG B 413 -2.79 19.33 24.95
CA ARG B 413 -3.29 18.11 25.59
C ARG B 413 -3.27 16.92 24.65
N LEU B 414 -3.61 17.16 23.39
CA LEU B 414 -3.62 16.09 22.38
C LEU B 414 -2.19 15.69 22.02
N LEU B 415 -1.29 16.67 21.98
CA LEU B 415 0.09 16.41 21.64
C LEU B 415 0.96 15.96 22.83
N GLY B 416 0.59 16.40 24.03
CA GLY B 416 1.36 16.05 25.22
C GLY B 416 2.48 17.07 25.39
N THR B 417 2.28 18.23 24.79
CA THR B 417 3.25 19.32 24.81
C THR B 417 2.77 20.42 25.72
N SER B 418 3.55 21.49 25.82
CA SER B 418 3.14 22.63 26.65
C SER B 418 3.55 23.94 25.99
N TYR B 419 3.20 24.08 24.71
CA TYR B 419 3.54 25.29 23.98
C TYR B 419 2.72 26.44 24.52
N PRO B 420 3.37 27.57 24.82
CA PRO B 420 2.61 28.73 25.34
C PRO B 420 1.63 29.25 24.28
N GLU B 421 0.39 29.42 24.71
CA GLU B 421 -0.70 29.90 23.88
C GLU B 421 -0.30 30.90 22.79
N ALA B 422 0.48 31.92 23.16
CA ALA B 422 0.92 32.95 22.22
C ALA B 422 1.68 32.37 21.03
N GLU B 423 2.53 31.38 21.28
CA GLU B 423 3.28 30.80 20.20
C GLU B 423 2.33 30.13 19.21
N GLN B 424 1.31 29.46 19.75
CA GLN B 424 0.33 28.77 18.92
C GLN B 424 -0.42 29.73 18.01
N ILE B 425 -0.96 30.81 18.59
CA ILE B 425 -1.70 31.81 17.83
C ILE B 425 -0.81 32.41 16.74
N ALA B 426 0.39 32.83 17.10
CA ALA B 426 1.34 33.41 16.14
C ALA B 426 1.56 32.48 14.93
N ILE B 427 1.81 31.19 15.18
CA ILE B 427 2.02 30.25 14.11
C ILE B 427 0.83 30.23 13.16
N LEU B 428 -0.37 30.02 13.70
CA LEU B 428 -1.56 29.98 12.87
C LEU B 428 -1.68 31.27 12.05
N LYS B 429 -1.21 32.36 12.62
CA LYS B 429 -1.27 33.63 11.92
C LYS B 429 -0.27 33.63 10.78
N ARG B 430 0.94 33.11 11.02
CA ARG B 430 1.94 33.07 9.96
C ARG B 430 1.49 32.21 8.78
N LEU B 431 0.60 31.25 9.03
CA LEU B 431 0.10 30.38 7.96
C LEU B 431 -1.06 31.04 7.22
N GLY B 432 -1.33 32.28 7.59
CA GLY B 432 -2.41 33.02 6.94
C GLY B 432 -3.79 32.87 7.55
N CYS B 433 -3.86 32.26 8.72
CA CYS B 433 -5.14 32.10 9.38
C CYS B 433 -5.54 33.39 10.07
N ARG B 434 -6.83 33.56 10.29
CA ARG B 434 -7.29 34.71 11.02
C ARG B 434 -7.69 34.15 12.37
N VAL B 435 -7.32 34.83 13.44
CA VAL B 435 -7.67 34.36 14.77
C VAL B 435 -8.45 35.41 15.53
N GLU B 436 -9.63 35.04 16.00
CA GLU B 436 -10.48 35.96 16.75
C GLU B 436 -10.84 35.46 18.15
N GLY B 437 -11.19 36.40 19.02
CA GLY B 437 -11.56 36.05 20.38
C GLY B 437 -10.34 36.11 21.28
N GLU B 438 -10.53 35.84 22.56
CA GLU B 438 -9.40 35.87 23.48
C GLU B 438 -9.22 34.64 24.35
N GLY B 439 -9.82 33.53 23.92
CA GLY B 439 -9.67 32.30 24.65
C GLY B 439 -10.75 32.01 25.67
N PRO B 440 -10.77 30.79 26.21
CA PRO B 440 -9.80 29.75 25.88
C PRO B 440 -10.06 29.06 24.53
N THR B 441 -11.17 29.37 23.89
CA THR B 441 -11.45 28.77 22.61
C THR B 441 -11.66 29.85 21.55
N TYR B 442 -10.71 29.90 20.61
CA TYR B 442 -10.72 30.89 19.56
C TYR B 442 -11.46 30.53 18.29
N ARG B 443 -11.67 31.56 17.48
CA ARG B 443 -12.31 31.43 16.17
C ARG B 443 -11.18 31.56 15.16
N VAL B 444 -10.75 30.43 14.60
CA VAL B 444 -9.68 30.43 13.62
C VAL B 444 -10.26 30.14 12.25
N THR B 445 -10.19 31.12 11.36
CA THR B 445 -10.70 30.89 10.02
C THR B 445 -9.49 30.88 9.10
N PRO B 446 -9.24 29.74 8.43
CA PRO B 446 -8.12 29.51 7.51
C PRO B 446 -8.20 30.24 6.19
N PRO B 447 -7.07 30.29 5.45
CA PRO B 447 -6.97 30.94 4.14
C PRO B 447 -7.66 30.01 3.14
N SER B 448 -8.26 30.58 2.10
CA SER B 448 -8.94 29.76 1.10
C SER B 448 -8.03 28.74 0.42
N HIS B 449 -6.74 28.99 0.39
CA HIS B 449 -5.83 28.05 -0.25
C HIS B 449 -5.58 26.74 0.52
N ARG B 450 -5.96 26.69 1.79
CA ARG B 450 -5.76 25.48 2.59
C ARG B 450 -7.04 24.63 2.65
N LEU B 451 -7.18 23.69 1.72
CA LEU B 451 -8.37 22.83 1.70
C LEU B 451 -8.29 21.80 2.83
N ASP B 452 -7.09 21.60 3.35
CA ASP B 452 -6.86 20.64 4.41
C ASP B 452 -7.10 21.14 5.85
N LEU B 453 -7.58 22.37 6.01
CA LEU B 453 -7.84 22.91 7.34
C LEU B 453 -9.36 23.09 7.57
N ARG B 454 -9.94 22.14 8.32
CA ARG B 454 -11.38 22.18 8.60
C ARG B 454 -11.73 21.90 10.06
N LEU B 455 -10.92 21.08 10.72
CA LEU B 455 -11.16 20.70 12.12
C LEU B 455 -10.10 21.24 13.06
N GLU B 456 -10.47 21.32 14.33
CA GLU B 456 -9.55 21.78 15.35
C GLU B 456 -8.28 20.92 15.30
N GLU B 457 -8.44 19.62 15.14
CA GLU B 457 -7.28 18.71 15.08
C GLU B 457 -6.32 19.15 13.97
N ASP B 458 -6.89 19.57 12.84
CA ASP B 458 -6.10 20.04 11.72
C ASP B 458 -5.23 21.19 12.18
N LEU B 459 -5.82 22.08 12.97
CA LEU B 459 -5.07 23.21 13.48
C LEU B 459 -3.99 22.74 14.45
N VAL B 460 -4.25 21.71 15.24
CA VAL B 460 -3.20 21.29 16.16
C VAL B 460 -2.02 20.67 15.40
N GLU B 461 -2.27 20.04 14.26
CA GLU B 461 -1.14 19.50 13.49
C GLU B 461 -0.31 20.70 12.97
N GLU B 462 -0.99 21.82 12.65
CA GLU B 462 -0.26 22.99 12.15
C GLU B 462 0.73 23.47 13.21
N VAL B 463 0.26 23.55 14.45
CA VAL B 463 1.12 24.00 15.55
C VAL B 463 2.26 22.99 15.76
N ALA B 464 1.92 21.71 15.77
CA ALA B 464 2.91 20.67 15.98
C ALA B 464 4.03 20.68 14.93
N ARG B 465 3.68 20.68 13.64
CA ARG B 465 4.71 20.67 12.61
C ARG B 465 5.53 21.95 12.51
N ILE B 466 4.94 23.10 12.82
CA ILE B 466 5.69 24.35 12.78
C ILE B 466 6.58 24.40 14.01
N GLN B 467 6.11 23.84 15.11
CA GLN B 467 6.92 23.79 16.32
C GLN B 467 7.98 22.72 16.07
N GLY B 468 7.59 21.67 15.38
CA GLY B 468 8.50 20.58 15.08
C GLY B 468 8.19 19.32 15.87
N TYR B 469 7.83 18.25 15.16
CA TYR B 469 7.51 16.97 15.78
C TYR B 469 8.58 16.55 16.80
N GLU B 470 9.81 17.03 16.64
CA GLU B 470 10.84 16.65 17.62
C GLU B 470 10.69 17.38 18.95
N THR B 471 9.81 18.36 19.01
CA THR B 471 9.64 19.08 20.27
C THR B 471 8.61 18.37 21.13
N ILE B 472 7.92 17.38 20.57
CA ILE B 472 6.93 16.59 21.30
C ILE B 472 7.70 15.60 22.18
N PRO B 473 7.52 15.68 23.51
CA PRO B 473 8.22 14.79 24.43
C PRO B 473 7.81 13.32 24.31
N LEU B 474 8.63 12.43 24.88
CA LEU B 474 8.33 11.00 24.85
C LEU B 474 7.70 10.60 26.18
N ALA B 475 6.66 9.78 26.11
CA ALA B 475 5.96 9.32 27.31
C ALA B 475 5.29 7.98 27.08
N LEU B 476 4.89 7.34 28.17
CA LEU B 476 4.20 6.05 28.10
C LEU B 476 2.91 6.15 28.89
N PRO B 477 1.81 5.64 28.30
CA PRO B 477 0.51 5.70 28.98
C PRO B 477 0.32 4.64 30.07
N ALA B 478 -0.45 5.02 31.10
CA ALA B 478 -0.75 4.12 32.22
C ALA B 478 -2.25 4.09 32.47
N PHE B 479 -2.85 2.91 32.39
CA PHE B 479 -4.28 2.80 32.66
C PHE B 479 -4.70 1.36 32.82
N PHE B 480 -5.79 1.16 33.55
CA PHE B 480 -6.35 -0.17 33.76
C PHE B 480 -7.27 -0.33 32.56
N PRO B 481 -7.04 -1.33 31.71
CA PRO B 481 -7.93 -1.48 30.56
C PRO B 481 -9.33 -1.88 30.92
N ALA B 482 -10.29 -1.33 30.17
CA ALA B 482 -11.69 -1.62 30.38
C ALA B 482 -11.87 -3.13 30.36
N PRO B 483 -12.77 -3.64 31.20
CA PRO B 483 -13.09 -5.06 31.35
C PRO B 483 -13.29 -5.89 30.09
N ASP B 484 -14.06 -5.37 29.13
CA ASP B 484 -14.32 -6.17 27.94
C ASP B 484 -13.10 -6.41 27.06
N ASN B 485 -11.95 -5.93 27.51
CA ASN B 485 -10.71 -6.10 26.77
C ASN B 485 -9.87 -7.26 27.30
N ARG B 486 -10.33 -7.92 28.36
CA ARG B 486 -9.58 -9.04 28.95
C ARG B 486 -9.63 -10.33 28.14
N GLY B 487 -8.50 -11.02 28.08
CA GLY B 487 -8.41 -12.28 27.36
C GLY B 487 -8.68 -12.16 25.88
N VAL B 488 -8.85 -10.93 25.44
CA VAL B 488 -9.13 -10.67 24.04
C VAL B 488 -8.10 -11.32 23.11
N GLU B 489 -6.92 -11.65 23.65
CA GLU B 489 -5.86 -12.25 22.85
C GLU B 489 -5.80 -13.78 22.90
N ALA B 490 -6.73 -14.40 23.59
CA ALA B 490 -6.73 -15.86 23.67
C ALA B 490 -6.73 -16.49 22.27
N PRO B 491 -7.70 -16.12 21.42
CA PRO B 491 -7.74 -16.71 20.07
C PRO B 491 -6.40 -16.68 19.36
N TYR B 492 -5.77 -15.52 19.31
CA TYR B 492 -4.49 -15.38 18.62
C TYR B 492 -3.42 -16.22 19.26
N ARG B 493 -3.40 -16.24 20.58
CA ARG B 493 -2.42 -17.01 21.31
C ARG B 493 -2.61 -18.51 21.04
N LYS B 494 -3.87 -18.94 21.02
CA LYS B 494 -4.17 -20.33 20.77
C LYS B 494 -3.55 -20.83 19.47
N GLU B 495 -3.79 -20.10 18.38
CA GLU B 495 -3.26 -20.49 17.10
C GLU B 495 -1.74 -20.47 17.04
N GLN B 496 -1.14 -19.54 17.79
CA GLN B 496 0.30 -19.44 17.79
C GLN B 496 0.92 -20.66 18.44
N ARG B 497 0.33 -21.12 19.54
CA ARG B 497 0.83 -22.29 20.24
C ARG B 497 0.78 -23.46 19.25
N LEU B 498 -0.37 -23.60 18.58
CA LEU B 498 -0.56 -24.66 17.60
C LEU B 498 0.59 -24.71 16.59
N ARG B 499 0.88 -23.55 15.97
CA ARG B 499 1.97 -23.49 15.01
C ARG B 499 3.28 -23.96 15.65
N GLU B 500 3.55 -23.46 16.85
CA GLU B 500 4.78 -23.82 17.56
C GLU B 500 4.91 -25.29 17.87
N VAL B 501 3.80 -25.91 18.25
CA VAL B 501 3.86 -27.33 18.55
C VAL B 501 4.11 -28.09 17.25
N LEU B 502 3.46 -27.66 16.17
CA LEU B 502 3.65 -28.30 14.89
C LEU B 502 5.12 -28.25 14.47
N SER B 503 5.74 -27.09 14.61
CA SER B 503 7.14 -26.92 14.24
C SER B 503 8.06 -27.74 15.14
N GLY B 504 7.57 -28.04 16.34
CA GLY B 504 8.37 -28.81 17.28
C GLY B 504 8.16 -30.29 17.11
N LEU B 505 6.99 -30.67 16.63
CA LEU B 505 6.65 -32.06 16.42
C LEU B 505 7.45 -32.60 15.23
N GLY B 506 7.76 -31.72 14.28
CA GLY B 506 8.52 -32.10 13.10
C GLY B 506 8.03 -31.49 11.79
N PHE B 507 6.96 -30.70 11.84
CA PHE B 507 6.39 -30.07 10.64
C PHE B 507 7.07 -28.76 10.24
N GLN B 508 7.27 -28.58 8.93
CA GLN B 508 7.88 -27.37 8.39
C GLN B 508 6.80 -26.42 7.88
N GLU B 509 6.74 -25.22 8.46
CA GLU B 509 5.72 -24.25 8.04
C GLU B 509 5.96 -23.69 6.63
N VAL B 510 4.87 -23.43 5.92
CA VAL B 510 4.95 -22.89 4.58
C VAL B 510 3.87 -21.83 4.36
N TYR B 511 4.20 -20.78 3.61
CA TYR B 511 3.26 -19.71 3.31
C TYR B 511 2.94 -19.74 1.83
N THR B 512 1.66 -19.73 1.49
CA THR B 512 1.24 -19.75 0.10
C THR B 512 0.26 -18.63 -0.18
N TYR B 513 0.29 -18.08 -1.39
CA TYR B 513 -0.62 -17.01 -1.76
C TYR B 513 -2.08 -17.40 -1.55
N SER B 514 -2.89 -16.43 -1.14
CA SER B 514 -4.31 -16.66 -0.90
C SER B 514 -5.06 -16.89 -2.20
N PHE B 515 -4.39 -16.62 -3.31
CA PHE B 515 -4.98 -16.77 -4.63
C PHE B 515 -5.07 -18.23 -5.07
N MET B 516 -5.98 -18.48 -6.01
CA MET B 516 -6.22 -19.81 -6.55
C MET B 516 -6.42 -19.73 -8.06
N ASP B 517 -6.04 -20.80 -8.75
CA ASP B 517 -6.22 -20.86 -10.19
C ASP B 517 -7.57 -21.54 -10.40
N PRO B 518 -8.54 -20.82 -10.98
CA PRO B 518 -9.89 -21.37 -11.22
C PRO B 518 -9.85 -22.76 -11.84
N GLU B 519 -8.84 -22.99 -12.66
CA GLU B 519 -8.70 -24.26 -13.34
C GLU B 519 -8.36 -25.42 -12.39
N ASP B 520 -7.81 -25.10 -11.22
CA ASP B 520 -7.46 -26.13 -10.24
C ASP B 520 -8.68 -26.72 -9.56
N ALA B 521 -9.81 -26.03 -9.65
CA ALA B 521 -11.04 -26.53 -9.04
C ALA B 521 -11.30 -27.85 -9.77
N ARG B 522 -10.86 -27.87 -11.03
CA ARG B 522 -10.99 -29.03 -11.90
C ARG B 522 -9.87 -30.02 -11.55
N ARG B 523 -8.64 -29.61 -11.78
CA ARG B 523 -7.47 -30.46 -11.50
C ARG B 523 -7.50 -31.19 -10.16
N PHE B 524 -7.81 -30.47 -9.09
CA PHE B 524 -7.83 -31.06 -7.76
C PHE B 524 -9.20 -31.52 -7.32
N ARG B 525 -10.13 -31.55 -8.26
CA ARG B 525 -11.49 -32.00 -7.98
C ARG B 525 -12.09 -31.31 -6.75
N LEU B 526 -12.35 -30.02 -6.88
CA LEU B 526 -12.93 -29.23 -5.79
C LEU B 526 -14.11 -28.41 -6.31
N ASP B 527 -15.11 -28.18 -5.45
CA ASP B 527 -16.24 -27.37 -5.86
C ASP B 527 -15.65 -26.03 -6.30
N PRO B 528 -16.29 -25.37 -7.26
CA PRO B 528 -15.76 -24.07 -7.74
C PRO B 528 -15.64 -23.01 -6.64
N PRO B 529 -14.64 -22.12 -6.76
CA PRO B 529 -14.38 -21.04 -5.81
C PRO B 529 -15.57 -20.09 -5.76
N ARG B 530 -15.94 -19.63 -4.57
CA ARG B 530 -17.07 -18.71 -4.43
C ARG B 530 -16.70 -17.23 -4.69
N LEU B 531 -15.50 -16.83 -4.29
CA LEU B 531 -15.08 -15.45 -4.51
C LEU B 531 -14.07 -15.40 -5.64
N LEU B 532 -14.27 -14.47 -6.56
CA LEU B 532 -13.39 -14.31 -7.71
C LEU B 532 -12.89 -12.87 -7.78
N LEU B 533 -11.76 -12.67 -8.45
CA LEU B 533 -11.20 -11.33 -8.57
C LEU B 533 -11.58 -10.58 -9.84
N LEU B 534 -12.08 -9.35 -9.65
CA LEU B 534 -12.45 -8.53 -10.77
C LEU B 534 -11.20 -7.99 -11.44
N ASN B 535 -10.12 -7.83 -10.67
CA ASN B 535 -8.87 -7.32 -11.21
C ASN B 535 -7.70 -8.19 -10.78
N PRO B 536 -7.66 -9.46 -11.23
CA PRO B 536 -6.60 -10.41 -10.90
C PRO B 536 -5.22 -10.01 -11.42
N LEU B 537 -4.18 -10.62 -10.86
CA LEU B 537 -2.80 -10.33 -11.27
C LEU B 537 -2.53 -11.12 -12.56
N ALA B 538 -3.32 -12.17 -12.75
CA ALA B 538 -3.22 -13.05 -13.91
C ALA B 538 -4.34 -14.06 -13.74
N PRO B 539 -4.76 -14.72 -14.83
CA PRO B 539 -5.85 -15.69 -14.70
C PRO B 539 -5.50 -16.85 -13.76
N GLU B 540 -4.22 -17.10 -13.55
CA GLU B 540 -3.77 -18.17 -12.67
C GLU B 540 -4.12 -17.83 -11.22
N LYS B 541 -4.24 -16.54 -10.95
CA LYS B 541 -4.55 -16.04 -9.61
C LYS B 541 -5.90 -15.31 -9.61
N ALA B 542 -6.84 -15.72 -10.46
CA ALA B 542 -8.13 -15.05 -10.55
C ALA B 542 -9.19 -15.38 -9.50
N ALA B 543 -8.93 -16.37 -8.65
CA ALA B 543 -9.89 -16.74 -7.61
C ALA B 543 -9.27 -16.78 -6.21
N LEU B 544 -10.11 -16.95 -5.19
CA LEU B 544 -9.63 -17.05 -3.81
C LEU B 544 -9.71 -18.51 -3.36
N ARG B 545 -8.56 -19.04 -2.96
CA ARG B 545 -8.45 -20.44 -2.54
C ARG B 545 -9.56 -20.91 -1.62
N THR B 546 -9.94 -22.17 -1.77
CA THR B 546 -10.99 -22.78 -0.96
C THR B 546 -10.38 -23.85 -0.08
N HIS B 547 -9.22 -24.33 -0.49
CA HIS B 547 -8.51 -25.36 0.25
C HIS B 547 -7.06 -24.96 0.40
N LEU B 548 -6.40 -25.57 1.36
CA LEU B 548 -5.01 -25.28 1.63
C LEU B 548 -4.09 -26.31 0.98
N PHE B 549 -4.53 -27.56 0.89
CA PHE B 549 -3.68 -28.61 0.33
C PHE B 549 -3.24 -28.47 -1.12
N PRO B 550 -4.10 -27.94 -2.00
CA PRO B 550 -3.68 -27.81 -3.40
C PRO B 550 -2.37 -27.04 -3.52
N GLY B 551 -2.28 -25.91 -2.81
CA GLY B 551 -1.07 -25.12 -2.86
C GLY B 551 0.12 -25.87 -2.28
N LEU B 552 -0.15 -26.67 -1.25
CA LEU B 552 0.90 -27.44 -0.61
C LEU B 552 1.42 -28.50 -1.56
N VAL B 553 0.52 -29.08 -2.37
CA VAL B 553 0.90 -30.08 -3.34
C VAL B 553 1.73 -29.44 -4.44
N ARG B 554 1.34 -28.24 -4.86
CA ARG B 554 2.10 -27.53 -5.90
C ARG B 554 3.50 -27.13 -5.44
N VAL B 555 3.68 -26.80 -4.16
CA VAL B 555 5.01 -26.41 -3.71
C VAL B 555 5.86 -27.67 -3.60
N LEU B 556 5.21 -28.81 -3.37
CA LEU B 556 5.91 -30.09 -3.29
C LEU B 556 6.54 -30.33 -4.65
N LYS B 557 5.75 -30.08 -5.69
CA LYS B 557 6.17 -30.26 -7.06
C LYS B 557 7.34 -29.31 -7.37
N GLU B 558 7.15 -28.02 -7.13
CA GLU B 558 8.19 -27.03 -7.41
C GLU B 558 9.47 -27.29 -6.64
N ASN B 559 9.35 -27.91 -5.47
CA ASN B 559 10.52 -28.23 -4.67
C ASN B 559 11.22 -29.46 -5.23
N LEU B 560 10.47 -30.28 -5.97
CA LEU B 560 11.03 -31.48 -6.58
C LEU B 560 11.69 -31.18 -7.93
N ASP B 561 11.39 -30.02 -8.51
CA ASP B 561 11.99 -29.64 -9.79
C ASP B 561 13.22 -28.77 -9.61
N LEU B 562 13.23 -27.96 -8.55
CA LEU B 562 14.37 -27.07 -8.30
C LEU B 562 15.45 -27.86 -7.59
N ASP B 563 15.09 -28.42 -6.44
CA ASP B 563 15.98 -29.25 -5.64
C ASP B 563 15.29 -30.61 -5.68
N ARG B 564 15.91 -31.67 -5.17
CA ARG B 564 15.23 -32.96 -5.22
C ARG B 564 15.04 -33.55 -3.85
N PRO B 565 14.25 -32.87 -3.00
CA PRO B 565 14.02 -33.40 -1.65
C PRO B 565 13.62 -34.87 -1.72
N GLU B 566 14.15 -35.67 -0.80
CA GLU B 566 13.81 -37.08 -0.76
C GLU B 566 12.53 -37.26 0.05
N ARG B 567 12.36 -36.40 1.06
CA ARG B 567 11.18 -36.43 1.92
C ARG B 567 10.67 -35.01 2.10
N ALA B 568 9.59 -34.88 2.88
CA ALA B 568 9.00 -33.58 3.15
C ALA B 568 7.77 -33.67 4.03
N LEU B 569 7.85 -33.06 5.20
CA LEU B 569 6.71 -33.03 6.13
C LEU B 569 6.40 -31.54 6.28
N LEU B 570 5.35 -31.11 5.59
CA LEU B 570 4.96 -29.70 5.60
C LEU B 570 3.65 -29.37 6.31
N PHE B 571 3.49 -28.09 6.64
CA PHE B 571 2.28 -27.59 7.26
C PHE B 571 2.14 -26.12 6.96
N GLU B 572 0.88 -25.69 6.83
CA GLU B 572 0.59 -24.29 6.56
C GLU B 572 -0.73 -23.97 7.24
N VAL B 573 -0.82 -22.75 7.77
CA VAL B 573 -2.07 -22.30 8.40
C VAL B 573 -2.49 -21.12 7.56
N GLY B 574 -3.76 -21.08 7.16
CA GLY B 574 -4.19 -19.96 6.36
C GLY B 574 -5.69 -19.78 6.24
N ARG B 575 -6.07 -18.59 5.79
CA ARG B 575 -7.47 -18.25 5.60
C ARG B 575 -7.96 -18.84 4.28
N VAL B 576 -9.15 -19.44 4.32
CA VAL B 576 -9.76 -20.07 3.16
C VAL B 576 -11.10 -19.38 2.94
N PHE B 577 -11.61 -19.40 1.71
CA PHE B 577 -12.87 -18.73 1.41
C PHE B 577 -13.93 -19.59 0.72
N ARG B 578 -15.05 -19.79 1.42
CA ARG B 578 -16.16 -20.59 0.91
C ARG B 578 -17.35 -20.43 1.85
N GLU B 579 -18.36 -19.68 1.41
CA GLU B 579 -19.55 -19.42 2.22
C GLU B 579 -19.20 -18.37 3.27
N ARG B 580 -18.09 -18.62 3.97
CA ARG B 580 -17.59 -17.74 5.00
C ARG B 580 -16.07 -17.85 5.00
N GLU B 581 -15.40 -16.83 5.52
CA GLU B 581 -13.94 -16.86 5.59
C GLU B 581 -13.61 -17.71 6.80
N GLU B 582 -12.78 -18.73 6.62
CA GLU B 582 -12.41 -19.58 7.74
C GLU B 582 -10.92 -19.93 7.76
N THR B 583 -10.42 -20.32 8.92
CA THR B 583 -9.01 -20.66 9.09
C THR B 583 -8.80 -22.16 9.06
N HIS B 584 -7.91 -22.60 8.18
CA HIS B 584 -7.57 -24.01 8.00
C HIS B 584 -6.12 -24.32 8.40
N LEU B 585 -5.85 -25.60 8.62
CA LEU B 585 -4.52 -26.12 8.93
C LEU B 585 -4.34 -27.33 8.02
N ALA B 586 -3.34 -27.28 7.16
CA ALA B 586 -3.09 -28.40 6.25
C ALA B 586 -1.67 -28.94 6.39
N GLY B 587 -1.52 -30.23 6.18
CA GLY B 587 -0.21 -30.86 6.29
C GLY B 587 0.06 -31.79 5.12
N LEU B 588 1.34 -31.96 4.78
CA LEU B 588 1.72 -32.83 3.67
C LEU B 588 2.91 -33.71 4.02
N LEU B 589 2.77 -35.00 3.72
CA LEU B 589 3.82 -35.98 3.97
C LEU B 589 4.25 -36.49 2.60
N PHE B 590 5.53 -36.83 2.46
CA PHE B 590 6.07 -37.30 1.19
C PHE B 590 7.51 -37.79 1.34
N GLY B 591 7.85 -38.85 0.61
CA GLY B 591 9.20 -39.39 0.69
C GLY B 591 9.28 -40.81 1.20
N GLU B 592 10.50 -41.33 1.29
CA GLU B 592 10.71 -42.69 1.76
C GLU B 592 10.13 -42.91 3.15
N GLY B 593 10.39 -41.98 4.07
CA GLY B 593 9.88 -42.11 5.41
C GLY B 593 10.92 -41.95 6.50
N VAL B 594 10.63 -42.48 7.68
CA VAL B 594 11.53 -42.39 8.82
C VAL B 594 12.14 -43.76 9.16
N GLY B 595 13.44 -43.77 9.43
CA GLY B 595 14.12 -45.00 9.77
C GLY B 595 15.62 -44.75 9.77
N LEU B 596 16.41 -45.81 9.74
CA LEU B 596 17.86 -45.67 9.73
C LEU B 596 18.38 -45.39 8.32
N PRO B 597 19.14 -44.29 8.16
CA PRO B 597 19.72 -43.87 6.87
C PRO B 597 20.46 -44.98 6.15
N TRP B 598 21.24 -45.75 6.91
CA TRP B 598 22.02 -46.85 6.35
C TRP B 598 21.17 -48.10 6.18
N ALA B 599 20.22 -48.32 7.09
CA ALA B 599 19.34 -49.48 7.01
C ALA B 599 18.34 -49.28 5.86
N LYS B 600 17.30 -50.11 5.84
CA LYS B 600 16.30 -50.03 4.78
C LYS B 600 14.86 -49.99 5.29
N GLU B 601 14.57 -50.71 6.37
CA GLU B 601 13.22 -50.72 6.93
C GLU B 601 12.83 -49.27 7.22
N ARG B 602 11.56 -48.93 6.96
CA ARG B 602 11.10 -47.57 7.19
C ARG B 602 9.63 -47.43 7.50
N LEU B 603 9.29 -46.32 8.14
CA LEU B 603 7.93 -45.97 8.49
C LEU B 603 7.58 -44.82 7.55
N SER B 604 6.44 -44.89 6.89
CA SER B 604 6.06 -43.82 5.98
C SER B 604 4.60 -43.85 5.60
N GLY B 605 4.27 -43.09 4.56
CA GLY B 605 2.91 -43.02 4.07
C GLY B 605 1.86 -42.74 5.13
N TYR B 606 0.61 -43.02 4.76
CA TYR B 606 -0.54 -42.80 5.63
C TYR B 606 -0.29 -42.90 7.12
N PHE B 607 0.13 -44.08 7.57
CA PHE B 607 0.36 -44.30 8.99
C PHE B 607 1.49 -43.51 9.62
N LEU B 608 2.34 -42.89 8.81
CA LEU B 608 3.41 -42.07 9.37
C LEU B 608 2.71 -40.75 9.69
N LEU B 609 1.87 -40.29 8.78
CA LEU B 609 1.15 -39.04 8.98
C LEU B 609 0.17 -39.23 10.13
N LYS B 610 -0.61 -40.31 10.09
CA LYS B 610 -1.56 -40.51 11.18
C LYS B 610 -0.80 -40.61 12.49
N GLY B 611 0.48 -40.95 12.40
CA GLY B 611 1.30 -41.06 13.60
C GLY B 611 1.56 -39.68 14.16
N TYR B 612 2.19 -38.85 13.35
CA TYR B 612 2.49 -37.49 13.76
C TYR B 612 1.23 -36.77 14.24
N LEU B 613 0.11 -36.99 13.57
CA LEU B 613 -1.14 -36.35 13.96
C LEU B 613 -1.64 -36.81 15.30
N GLU B 614 -1.47 -38.09 15.60
CA GLU B 614 -1.93 -38.61 16.89
C GLU B 614 -1.13 -37.96 18.00
N ALA B 615 0.15 -37.68 17.73
CA ALA B 615 1.02 -37.03 18.69
C ALA B 615 0.52 -35.61 18.93
N LEU B 616 0.28 -34.90 17.82
CA LEU B 616 -0.21 -33.53 17.88
C LEU B 616 -1.38 -33.43 18.84
N PHE B 617 -2.40 -34.25 18.63
CA PHE B 617 -3.56 -34.18 19.48
C PHE B 617 -3.32 -34.73 20.88
N ALA B 618 -2.32 -35.60 21.03
CA ALA B 618 -2.00 -36.13 22.34
C ALA B 618 -1.36 -34.95 23.06
N ARG B 619 -0.52 -34.24 22.31
CA ARG B 619 0.19 -33.08 22.82
C ARG B 619 -0.83 -31.99 23.17
N LEU B 620 -1.83 -31.81 22.31
CA LEU B 620 -2.86 -30.81 22.54
C LEU B 620 -3.90 -31.25 23.55
N GLY B 621 -3.86 -32.53 23.94
CA GLY B 621 -4.83 -33.05 24.88
C GLY B 621 -6.24 -33.14 24.29
N LEU B 622 -6.34 -33.58 23.04
CA LEU B 622 -7.63 -33.72 22.37
C LEU B 622 -7.80 -35.08 21.71
N ALA B 623 -9.04 -35.59 21.74
CA ALA B 623 -9.39 -36.87 21.13
C ALA B 623 -9.22 -36.79 19.61
N PHE B 624 -8.49 -37.74 19.03
CA PHE B 624 -8.27 -37.76 17.58
C PHE B 624 -8.60 -39.12 16.97
N ARG B 625 -9.67 -39.15 16.19
CA ARG B 625 -10.12 -40.37 15.54
C ARG B 625 -10.20 -40.13 14.02
N VAL B 626 -9.98 -41.19 13.24
CA VAL B 626 -10.04 -41.06 11.78
C VAL B 626 -10.91 -42.15 11.15
N GLU B 627 -12.18 -41.82 10.87
CA GLU B 627 -13.10 -42.77 10.25
C GLU B 627 -13.00 -42.76 8.74
N ALA B 628 -13.43 -43.84 8.11
CA ALA B 628 -13.38 -43.95 6.66
C ALA B 628 -14.47 -43.14 5.96
N GLN B 629 -14.06 -42.37 4.95
CA GLN B 629 -14.98 -41.54 4.18
C GLN B 629 -14.31 -41.10 2.88
N ALA B 630 -15.10 -41.03 1.82
CA ALA B 630 -14.62 -40.66 0.50
C ALA B 630 -14.48 -39.16 0.27
N PHE B 631 -13.42 -38.78 -0.44
CA PHE B 631 -13.12 -37.40 -0.77
C PHE B 631 -12.56 -37.31 -2.18
N PRO B 632 -13.28 -36.66 -3.09
CA PRO B 632 -12.89 -36.48 -4.49
C PRO B 632 -11.39 -36.38 -4.78
N PHE B 633 -10.67 -35.67 -3.91
CA PHE B 633 -9.23 -35.48 -4.08
C PHE B 633 -8.39 -36.49 -3.33
N LEU B 634 -9.02 -37.54 -2.79
CA LEU B 634 -8.28 -38.55 -2.06
C LEU B 634 -8.44 -39.96 -2.63
N HIS B 635 -7.39 -40.76 -2.48
CA HIS B 635 -7.42 -42.13 -2.94
C HIS B 635 -8.60 -42.80 -2.22
N PRO B 636 -9.49 -43.48 -2.95
CA PRO B 636 -10.64 -44.13 -2.33
C PRO B 636 -10.28 -45.20 -1.28
N GLY B 637 -9.11 -45.80 -1.43
CA GLY B 637 -8.68 -46.82 -0.49
C GLY B 637 -7.90 -46.25 0.69
N VAL B 638 -7.42 -45.02 0.52
CA VAL B 638 -6.65 -44.33 1.55
C VAL B 638 -7.32 -42.98 1.82
N SER B 639 -8.57 -43.03 2.31
CA SER B 639 -9.29 -41.79 2.57
C SER B 639 -10.21 -41.88 3.78
N GLY B 640 -10.11 -40.85 4.63
CA GLY B 640 -10.94 -40.81 5.82
C GLY B 640 -11.11 -39.38 6.31
N ARG B 641 -12.13 -39.18 7.13
CA ARG B 641 -12.41 -37.87 7.69
C ARG B 641 -11.80 -37.82 9.10
N VAL B 642 -11.51 -36.62 9.58
CA VAL B 642 -10.94 -36.46 10.90
C VAL B 642 -11.98 -36.07 11.94
N LEU B 643 -11.89 -36.67 13.12
CA LEU B 643 -12.83 -36.39 14.21
C LEU B 643 -12.11 -35.98 15.49
N VAL B 644 -11.89 -34.68 15.66
CA VAL B 644 -11.24 -34.19 16.86
C VAL B 644 -12.33 -34.01 17.92
N GLU B 645 -12.09 -34.59 19.09
CA GLU B 645 -13.04 -34.50 20.18
C GLU B 645 -14.46 -34.83 19.76
N GLY B 646 -14.61 -35.80 18.87
CA GLY B 646 -15.94 -36.22 18.43
C GLY B 646 -16.61 -35.50 17.27
N GLU B 647 -16.09 -34.34 16.85
CA GLU B 647 -16.70 -33.61 15.75
C GLU B 647 -15.84 -33.63 14.50
N GLU B 648 -16.48 -33.75 13.35
CA GLU B 648 -15.78 -33.78 12.07
C GLU B 648 -15.16 -32.44 11.77
N VAL B 649 -13.84 -32.39 11.64
CA VAL B 649 -13.18 -31.12 11.38
C VAL B 649 -12.27 -31.11 10.18
N GLY B 650 -12.27 -32.18 9.39
CA GLY B 650 -11.42 -32.21 8.22
C GLY B 650 -11.28 -33.60 7.64
N PHE B 651 -10.13 -33.86 7.02
CA PHE B 651 -9.88 -35.15 6.38
C PHE B 651 -8.41 -35.56 6.48
N LEU B 652 -8.11 -36.77 6.00
CA LEU B 652 -6.75 -37.31 5.99
C LEU B 652 -6.68 -38.47 5.00
N GLY B 653 -5.62 -38.53 4.22
CA GLY B 653 -5.49 -39.63 3.26
C GLY B 653 -4.39 -39.42 2.25
N ALA B 654 -4.40 -40.26 1.21
CA ALA B 654 -3.41 -40.17 0.16
C ALA B 654 -4.02 -39.41 -1.01
N LEU B 655 -3.23 -38.54 -1.64
CA LEU B 655 -3.70 -37.78 -2.78
C LEU B 655 -4.12 -38.76 -3.86
N HIS B 656 -5.32 -38.57 -4.40
CA HIS B 656 -5.84 -39.45 -5.44
C HIS B 656 -4.78 -39.73 -6.51
N PRO B 657 -4.63 -41.02 -6.90
CA PRO B 657 -3.66 -41.44 -7.91
C PRO B 657 -3.78 -40.67 -9.22
N GLU B 658 -5.01 -40.52 -9.71
CA GLU B 658 -5.22 -39.81 -10.96
C GLU B 658 -4.69 -38.38 -10.85
N ILE B 659 -4.99 -37.72 -9.72
CA ILE B 659 -4.52 -36.35 -9.47
C ILE B 659 -3.00 -36.37 -9.49
N ALA B 660 -2.42 -37.25 -8.70
CA ALA B 660 -0.97 -37.39 -8.59
C ALA B 660 -0.32 -37.51 -9.97
N GLN B 661 -0.90 -38.38 -10.80
CA GLN B 661 -0.40 -38.60 -12.15
C GLN B 661 -0.45 -37.36 -13.02
N GLU B 662 -1.60 -36.67 -13.05
CA GLU B 662 -1.70 -35.46 -13.87
C GLU B 662 -0.68 -34.42 -13.44
N LEU B 663 -0.19 -34.53 -12.21
CA LEU B 663 0.78 -33.58 -11.68
C LEU B 663 2.19 -34.18 -11.68
N GLU B 664 2.30 -35.42 -12.16
CA GLU B 664 3.58 -36.12 -12.21
C GLU B 664 4.17 -36.21 -10.82
N LEU B 665 3.39 -36.74 -9.88
CA LEU B 665 3.86 -36.82 -8.51
C LEU B 665 3.77 -38.19 -7.86
N PRO B 666 4.79 -38.56 -7.08
CA PRO B 666 4.82 -39.84 -6.39
C PRO B 666 3.66 -39.81 -5.41
N PRO B 667 3.39 -40.91 -4.71
CA PRO B 667 2.27 -40.89 -3.76
C PRO B 667 2.45 -39.80 -2.69
N VAL B 668 1.39 -39.04 -2.46
CA VAL B 668 1.41 -37.96 -1.49
C VAL B 668 0.30 -38.13 -0.47
N HIS B 669 0.65 -37.92 0.80
CA HIS B 669 -0.32 -38.05 1.88
C HIS B 669 -0.57 -36.68 2.51
N LEU B 670 -1.80 -36.43 2.94
CA LEU B 670 -2.09 -35.14 3.54
C LEU B 670 -3.42 -35.01 4.28
N PHE B 671 -3.59 -33.87 4.94
CA PHE B 671 -4.81 -33.61 5.71
C PHE B 671 -5.14 -32.11 5.73
N GLU B 672 -6.37 -31.79 6.11
CA GLU B 672 -6.78 -30.41 6.22
C GLU B 672 -7.89 -30.30 7.26
N LEU B 673 -7.70 -29.39 8.22
CA LEU B 673 -8.68 -29.20 9.27
C LEU B 673 -9.15 -27.77 9.32
N ARG B 674 -10.20 -27.53 10.12
CA ARG B 674 -10.75 -26.20 10.30
C ARG B 674 -10.40 -25.76 11.72
N LEU B 675 -9.96 -24.50 11.85
CA LEU B 675 -9.59 -23.95 13.16
C LEU B 675 -10.66 -22.93 13.59
N PRO B 676 -10.75 -22.64 14.91
CA PRO B 676 -9.94 -23.20 15.98
C PRO B 676 -10.38 -24.61 16.37
N LEU B 677 -9.40 -25.44 16.74
CA LEU B 677 -9.68 -26.82 17.13
C LEU B 677 -10.57 -26.87 18.36
N PRO B 678 -11.35 -27.95 18.51
CA PRO B 678 -12.23 -28.07 19.68
C PRO B 678 -11.39 -27.89 20.92
N ASP B 679 -11.98 -27.34 21.96
CA ASP B 679 -11.25 -27.11 23.18
C ASP B 679 -11.76 -28.00 24.31
N LYS B 680 -10.86 -28.75 24.92
CA LYS B 680 -11.25 -29.63 26.03
C LYS B 680 -10.63 -29.15 27.32
N PRO B 681 -11.47 -28.74 28.29
CA PRO B 681 -11.01 -28.26 29.59
C PRO B 681 -10.43 -29.41 30.43
N LEU B 682 -9.54 -29.05 31.35
CA LEU B 682 -8.91 -30.03 32.21
C LEU B 682 -9.90 -30.59 33.24
N ALA B 683 -9.76 -31.89 33.48
CA ALA B 683 -10.59 -32.58 34.44
C ALA B 683 -9.63 -33.56 35.08
N PHE B 684 -8.72 -33.02 35.88
CA PHE B 684 -7.72 -33.84 36.55
C PHE B 684 -8.33 -35.11 37.09
N GLN B 685 -7.67 -36.23 36.85
CA GLN B 685 -8.14 -37.53 37.32
C GLN B 685 -7.08 -38.10 38.25
N ASP B 686 -7.29 -37.97 39.56
CA ASP B 686 -6.31 -38.48 40.51
C ASP B 686 -6.02 -39.95 40.18
N PRO B 687 -4.74 -40.29 39.98
CA PRO B 687 -4.35 -41.66 39.65
C PRO B 687 -4.44 -42.62 40.84
N SER B 688 -4.97 -43.81 40.60
CA SER B 688 -5.13 -44.84 41.63
C SER B 688 -3.79 -45.37 42.13
N ARG B 689 -3.67 -45.55 43.45
CA ARG B 689 -2.43 -46.06 44.03
C ARG B 689 -2.31 -47.57 43.83
N HIS B 690 -3.44 -48.28 43.98
CA HIS B 690 -3.49 -49.74 43.84
C HIS B 690 -3.11 -50.25 42.46
N PRO B 691 -2.67 -51.53 42.38
CA PRO B 691 -2.28 -52.17 41.14
C PRO B 691 -3.42 -52.33 40.14
N ALA B 692 -3.06 -52.50 38.87
CA ALA B 692 -4.04 -52.65 37.79
C ALA B 692 -4.07 -54.07 37.23
N ALA B 693 -5.27 -54.58 36.96
CA ALA B 693 -5.46 -55.93 36.42
C ALA B 693 -5.14 -56.02 34.93
N PHE B 694 -4.22 -56.91 34.58
CA PHE B 694 -3.81 -57.11 33.19
C PHE B 694 -4.50 -58.33 32.57
N ARG B 695 -5.08 -58.15 31.39
CA ARG B 695 -5.76 -59.24 30.71
C ARG B 695 -5.76 -59.04 29.20
N ASP B 696 -5.48 -60.11 28.47
CA ASP B 696 -5.45 -60.08 27.02
C ASP B 696 -6.64 -60.83 26.41
N LEU B 697 -6.81 -60.65 25.11
CA LEU B 697 -7.89 -61.31 24.37
C LEU B 697 -7.88 -60.82 22.93
N ALA B 698 -8.05 -61.75 21.99
CA ALA B 698 -8.07 -61.40 20.58
C ALA B 698 -9.53 -61.42 20.12
N VAL B 699 -9.82 -60.67 19.05
CA VAL B 699 -11.18 -60.62 18.53
C VAL B 699 -11.23 -61.06 17.07
N VAL B 700 -12.07 -62.05 16.79
CA VAL B 700 -12.26 -62.57 15.44
C VAL B 700 -13.25 -61.69 14.70
N VAL B 701 -12.76 -61.01 13.68
CA VAL B 701 -13.57 -60.09 12.90
C VAL B 701 -13.32 -60.18 11.40
N PRO B 702 -14.37 -59.96 10.58
CA PRO B 702 -14.21 -60.03 9.13
C PRO B 702 -13.33 -58.89 8.62
N ALA B 703 -12.50 -59.18 7.63
CA ALA B 703 -11.59 -58.18 7.05
C ALA B 703 -12.23 -56.82 6.74
N PRO B 704 -13.51 -56.81 6.31
CA PRO B 704 -14.15 -55.52 6.01
C PRO B 704 -14.29 -54.58 7.22
N THR B 705 -14.77 -55.12 8.34
CA THR B 705 -14.96 -54.33 9.56
C THR B 705 -13.73 -53.51 9.94
N PRO B 706 -13.89 -52.18 10.06
CA PRO B 706 -12.82 -51.25 10.42
C PRO B 706 -12.40 -51.37 11.88
N TYR B 707 -11.11 -51.18 12.12
CA TYR B 707 -10.56 -51.27 13.48
C TYR B 707 -11.38 -50.48 14.50
N GLY B 708 -11.62 -49.21 14.18
CA GLY B 708 -12.37 -48.34 15.07
C GLY B 708 -13.63 -48.92 15.66
N GLU B 709 -14.49 -49.48 14.82
CA GLU B 709 -15.76 -50.05 15.29
C GLU B 709 -15.54 -51.12 16.35
N VAL B 710 -14.52 -51.95 16.15
CA VAL B 710 -14.22 -53.01 17.10
C VAL B 710 -13.77 -52.36 18.40
N GLU B 711 -12.66 -51.63 18.32
CA GLU B 711 -12.09 -50.94 19.49
C GLU B 711 -13.17 -50.19 20.26
N ALA B 712 -14.09 -49.55 19.54
CA ALA B 712 -15.16 -48.81 20.17
C ALA B 712 -16.03 -49.76 20.97
N LEU B 713 -16.31 -50.93 20.40
CA LEU B 713 -17.16 -51.92 21.06
C LEU B 713 -16.45 -52.54 22.27
N VAL B 714 -15.20 -52.97 22.06
CA VAL B 714 -14.44 -53.57 23.13
C VAL B 714 -14.42 -52.63 24.33
N ARG B 715 -14.09 -51.36 24.08
CA ARG B 715 -14.05 -50.35 25.13
C ARG B 715 -15.43 -50.11 25.72
N GLU B 716 -16.34 -49.71 24.84
CA GLU B 716 -17.73 -49.41 25.22
C GLU B 716 -18.27 -50.37 26.27
N ALA B 717 -17.99 -51.67 26.11
CA ALA B 717 -18.50 -52.67 27.04
C ALA B 717 -17.48 -53.17 28.05
N ALA B 718 -16.21 -52.81 27.87
CA ALA B 718 -15.16 -53.25 28.79
C ALA B 718 -15.45 -52.84 30.24
N GLY B 719 -16.41 -51.94 30.43
CA GLY B 719 -16.77 -51.52 31.78
C GLY B 719 -16.20 -50.20 32.27
N PRO B 720 -16.70 -49.70 33.42
CA PRO B 720 -16.24 -48.44 34.00
C PRO B 720 -14.90 -48.54 34.75
N TYR B 721 -14.24 -49.69 34.68
CA TYR B 721 -12.96 -49.84 35.36
C TYR B 721 -11.82 -50.11 34.38
N LEU B 722 -12.06 -49.81 33.10
CA LEU B 722 -11.05 -50.03 32.08
C LEU B 722 -10.00 -48.92 32.11
N GLU B 723 -8.73 -49.31 32.22
CA GLU B 723 -7.64 -48.34 32.25
C GLU B 723 -7.12 -48.15 30.83
N SER B 724 -6.58 -49.21 30.25
CA SER B 724 -6.06 -49.15 28.89
C SER B 724 -6.84 -50.02 27.92
N LEU B 725 -6.31 -50.15 26.71
CA LEU B 725 -6.89 -50.94 25.64
C LEU B 725 -6.06 -50.58 24.42
N ALA B 726 -5.09 -51.41 24.09
CA ALA B 726 -4.25 -51.13 22.95
C ALA B 726 -4.09 -52.30 21.99
N LEU B 727 -4.10 -52.00 20.70
CA LEU B 727 -3.95 -52.99 19.65
C LEU B 727 -2.47 -53.34 19.49
N PHE B 728 -2.08 -54.50 19.99
CA PHE B 728 -0.67 -54.86 19.86
C PHE B 728 -0.40 -55.85 18.73
N ASP B 729 -1.44 -56.24 17.99
CA ASP B 729 -1.25 -57.17 16.90
C ASP B 729 -2.46 -57.45 16.03
N LEU B 730 -2.29 -57.23 14.73
CA LEU B 730 -3.34 -57.48 13.76
C LEU B 730 -2.92 -58.74 13.00
N TYR B 731 -3.84 -59.69 12.90
CA TYR B 731 -3.55 -60.93 12.19
C TYR B 731 -4.78 -61.46 11.47
N GLN B 732 -4.60 -61.82 10.20
CA GLN B 732 -5.68 -62.38 9.40
C GLN B 732 -5.17 -63.49 8.50
N GLY B 733 -5.68 -64.69 8.73
CA GLY B 733 -5.26 -65.84 7.94
C GLY B 733 -5.58 -67.14 8.66
N PRO B 734 -4.92 -68.25 8.28
CA PRO B 734 -5.16 -69.54 8.93
C PRO B 734 -4.59 -69.54 10.33
N PRO B 735 -5.27 -70.20 11.29
CA PRO B 735 -6.52 -70.96 11.19
C PRO B 735 -7.83 -70.17 11.33
N LEU B 736 -7.83 -68.92 10.88
CA LEU B 736 -9.05 -68.11 10.97
C LEU B 736 -9.83 -68.14 9.66
N PRO B 737 -11.17 -68.18 9.75
CA PRO B 737 -12.05 -68.20 8.57
C PRO B 737 -11.75 -67.09 7.57
N GLU B 738 -10.81 -67.34 6.66
CA GLU B 738 -10.39 -66.41 5.60
C GLU B 738 -11.31 -65.22 5.39
N GLY B 739 -10.71 -64.06 5.14
CA GLY B 739 -11.50 -62.86 4.95
C GLY B 739 -11.82 -62.36 6.34
N HIS B 740 -11.25 -63.02 7.32
CA HIS B 740 -11.41 -62.66 8.72
C HIS B 740 -10.06 -62.27 9.28
N LYS B 741 -10.09 -61.58 10.42
CA LYS B 741 -8.88 -61.12 11.06
C LYS B 741 -9.07 -61.09 12.57
N SER B 742 -7.97 -61.16 13.29
CA SER B 742 -8.00 -61.12 14.75
C SER B 742 -7.33 -59.83 15.23
N LEU B 743 -7.88 -59.26 16.30
CA LEU B 743 -7.35 -58.03 16.86
C LEU B 743 -6.86 -58.28 18.28
N ALA B 744 -5.55 -58.34 18.44
CA ALA B 744 -4.92 -58.57 19.73
C ALA B 744 -4.99 -57.30 20.57
N PHE B 745 -5.83 -57.31 21.60
CA PHE B 745 -6.00 -56.15 22.48
C PHE B 745 -5.33 -56.34 23.83
N HIS B 746 -4.58 -55.33 24.25
CA HIS B 746 -3.92 -55.36 25.54
C HIS B 746 -4.82 -54.58 26.49
N LEU B 747 -5.54 -55.30 27.34
CA LEU B 747 -6.44 -54.64 28.28
C LEU B 747 -5.81 -54.50 29.66
N ARG B 748 -6.31 -53.52 30.41
CA ARG B 748 -5.85 -53.23 31.76
C ARG B 748 -7.01 -52.61 32.53
N PHE B 749 -7.26 -53.11 33.73
CA PHE B 749 -8.33 -52.57 34.55
C PHE B 749 -7.75 -52.03 35.83
N ARG B 750 -8.52 -51.20 36.55
CA ARG B 750 -8.03 -50.62 37.78
C ARG B 750 -9.14 -49.93 38.55
N HIS B 751 -9.02 -49.92 39.87
CA HIS B 751 -10.01 -49.29 40.71
C HIS B 751 -9.37 -48.23 41.59
N PRO B 752 -9.89 -47.00 41.54
CA PRO B 752 -9.37 -45.89 42.33
C PRO B 752 -9.21 -46.15 43.83
N LYS B 753 -10.31 -46.49 44.50
CA LYS B 753 -10.25 -46.73 45.94
C LYS B 753 -9.49 -47.97 46.39
N ARG B 754 -9.82 -49.14 45.83
CA ARG B 754 -9.12 -50.37 46.23
C ARG B 754 -8.75 -51.25 45.05
N THR B 755 -8.18 -52.42 45.34
CA THR B 755 -7.79 -53.35 44.28
C THR B 755 -9.01 -54.09 43.73
N LEU B 756 -8.87 -54.64 42.52
CA LEU B 756 -9.97 -55.33 41.87
C LEU B 756 -10.01 -56.84 42.08
N ARG B 757 -11.20 -57.33 42.41
CA ARG B 757 -11.44 -58.75 42.62
C ARG B 757 -11.48 -59.45 41.27
N ASP B 758 -10.88 -60.64 41.20
CA ASP B 758 -10.86 -61.41 39.95
C ASP B 758 -12.27 -61.68 39.42
N GLU B 759 -13.25 -61.51 40.31
CA GLU B 759 -14.67 -61.71 39.98
C GLU B 759 -15.13 -60.58 39.08
N GLU B 760 -14.67 -59.38 39.38
CA GLU B 760 -15.03 -58.18 38.63
C GLU B 760 -14.35 -58.15 37.25
N VAL B 761 -13.10 -58.61 37.19
CA VAL B 761 -12.37 -58.61 35.93
C VAL B 761 -12.98 -59.66 35.00
N GLU B 762 -13.13 -60.87 35.52
CA GLU B 762 -13.72 -61.96 34.74
C GLU B 762 -15.02 -61.48 34.15
N GLU B 763 -15.86 -60.90 35.00
CA GLU B 763 -17.15 -60.38 34.56
C GLU B 763 -16.93 -59.39 33.42
N ALA B 764 -16.01 -58.45 33.65
CA ALA B 764 -15.69 -57.43 32.67
C ALA B 764 -15.43 -58.01 31.29
N VAL B 765 -14.49 -58.95 31.21
CA VAL B 765 -14.16 -59.59 29.93
C VAL B 765 -15.41 -60.29 29.41
N SER B 766 -16.21 -60.82 30.33
CA SER B 766 -17.43 -61.52 29.97
C SER B 766 -18.43 -60.57 29.34
N ARG B 767 -18.64 -59.42 29.98
CA ARG B 767 -19.58 -58.42 29.47
C ARG B 767 -19.15 -58.05 28.05
N VAL B 768 -17.86 -58.23 27.78
CA VAL B 768 -17.29 -57.92 26.48
C VAL B 768 -17.56 -59.03 25.46
N ALA B 769 -17.25 -60.28 25.83
CA ALA B 769 -17.49 -61.42 24.94
C ALA B 769 -18.95 -61.39 24.54
N GLU B 770 -19.78 -60.90 25.47
CA GLU B 770 -21.22 -60.77 25.29
C GLU B 770 -21.52 -60.08 23.96
N ALA B 771 -21.46 -58.74 23.98
CA ALA B 771 -21.73 -57.92 22.82
C ALA B 771 -20.72 -58.17 21.70
N LEU B 772 -19.52 -58.61 22.06
CA LEU B 772 -18.48 -58.88 21.07
C LEU B 772 -19.03 -59.90 20.07
N ARG B 773 -19.80 -60.86 20.57
CA ARG B 773 -20.40 -61.88 19.72
C ARG B 773 -21.75 -61.41 19.22
N ALA B 774 -22.47 -60.66 20.06
CA ALA B 774 -23.78 -60.13 19.69
C ALA B 774 -23.66 -59.31 18.40
N ARG B 775 -22.43 -58.93 18.08
CA ARG B 775 -22.16 -58.15 16.87
C ARG B 775 -21.65 -59.07 15.75
N GLY B 776 -21.36 -60.31 16.11
CA GLY B 776 -20.88 -61.26 15.12
C GLY B 776 -19.37 -61.38 15.10
N PHE B 777 -18.75 -61.15 16.26
CA PHE B 777 -17.32 -61.25 16.38
C PHE B 777 -16.96 -62.36 17.36
N GLY B 778 -15.91 -63.13 17.00
CA GLY B 778 -15.38 -64.26 17.75
C GLY B 778 -14.38 -63.82 18.83
N LEU B 779 -13.71 -64.81 19.38
CA LEU B 779 -12.81 -64.60 20.47
C LEU B 779 -11.67 -65.59 20.41
N ARG B 780 -10.79 -65.38 19.45
CA ARG B 780 -9.64 -66.24 19.24
C ARG B 780 -8.95 -66.55 20.58
N GLY B 781 -9.01 -65.58 21.50
CA GLY B 781 -8.41 -65.74 22.81
C GLY B 781 -9.28 -65.14 23.89
N LEU B 782 -9.31 -65.78 25.06
CA LEU B 782 -10.10 -65.31 26.20
C LEU B 782 -9.35 -65.52 27.52
N ASP B 783 -9.50 -64.54 28.43
CA ASP B 783 -8.84 -64.61 29.73
C ASP B 783 -7.35 -64.87 29.55
N THR B 784 -6.86 -64.57 28.35
CA THR B 784 -5.45 -64.77 28.00
C THR B 784 -4.49 -64.14 29.02
N PRO B 785 -3.40 -64.85 29.36
CA PRO B 785 -2.43 -64.32 30.33
C PRO B 785 -1.54 -63.22 29.74
MG MG C . -3.30 18.58 8.18
N TYR D . -2.83 1.63 6.97
CA TYR D . -1.75 2.39 6.24
C TYR D . -1.22 1.63 5.01
O TYR D . -0.14 2.08 4.52
CB TYR D . -0.56 2.70 7.17
CG TYR D . -1.00 3.39 8.45
CD1 TYR D . -1.54 2.65 9.51
CD2 TYR D . -0.92 4.78 8.57
CE1 TYR D . -2.01 3.28 10.67
CE2 TYR D . -1.37 5.43 9.73
CZ TYR D . -1.93 4.67 10.77
OH TYR D . -2.43 5.33 11.90
OXT TYR D . -1.86 0.64 4.56
S SO4 E . -11.82 17.67 24.51
O1 SO4 E . -11.92 18.54 23.47
O2 SO4 E . -11.17 16.56 23.75
O3 SO4 E . -13.32 17.15 24.60
O4 SO4 E . -11.53 17.58 25.99
N TYR F . -2.60 22.03 -21.26
CA TYR F . -2.89 23.49 -20.99
C TYR F . -2.05 24.45 -21.84
O TYR F . -1.26 23.96 -22.68
CB TYR F . -2.68 23.80 -19.47
CG TYR F . -4.02 24.00 -18.79
CD1 TYR F . -4.90 22.91 -18.65
CD2 TYR F . -4.48 25.27 -18.41
CE1 TYR F . -6.20 23.08 -18.16
CE2 TYR F . -5.79 25.45 -17.91
CZ TYR F . -6.64 24.35 -17.81
OH TYR F . -7.94 24.48 -17.40
OXT TYR F . -2.22 25.68 -21.62
#